data_4GV8
#
_entry.id   4GV8
#
_cell.length_a   109.660
_cell.length_b   109.660
_cell.length_c   169.270
_cell.angle_alpha   90.00
_cell.angle_beta   90.00
_cell.angle_gamma   90.00
#
_symmetry.space_group_name_H-M   'P 43 2 2'
#
loop_
_entity.id
_entity.type
_entity.pdbx_description
1 polymer DUTPase
2 non-polymer "2'-DEOXYURIDINE 5'-ALPHA,BETA-IMIDO-TRIPHOSPHATE"
3 non-polymer 'MAGNESIUM ION'
4 water water
#
_entity_poly.entity_id   1
_entity_poly.type   'polypeptide(L)'
_entity_poly.pdbx_seq_one_letter_code
;MTNTLQVRLLSENARMPERNHKTDAGYDIFSAETVVLEPQEKAVIKTDVAVSIPEGYVGLLTSRSGVSSKTHLVIETGKI
DAGYHGNLGINIKNDAIASNGYITPGVFDIKGEIDLSDAIRQYGTYQINEGDKLAQLVIVPIWTPELKQVEEFESVSERG
EKGFGSSGV
;
_entity_poly.pdbx_strand_id   A,B,C,D,E,F
#
loop_
_chem_comp.id
_chem_comp.type
_chem_comp.name
_chem_comp.formula
DUP non-polymer '2'-DEOXYURIDINE 5'-ALPHA,BETA-IMIDO-TRIPHOSPHATE' 'C9 H16 N3 O13 P3'
MG non-polymer 'MAGNESIUM ION' 'Mg 2'
#
# COMPACT_ATOMS: atom_id res chain seq x y z
N ASN A 3 9.72 8.85 21.39
CA ASN A 3 10.28 7.55 21.92
C ASN A 3 9.86 6.25 21.09
N THR A 4 9.42 5.16 21.76
CA THR A 4 8.89 3.95 21.10
C THR A 4 7.51 3.46 21.71
N LEU A 5 6.64 2.92 20.85
CA LEU A 5 5.35 2.43 21.20
C LEU A 5 5.36 0.92 21.00
N GLN A 6 5.03 0.18 22.06
CA GLN A 6 5.03 -1.31 21.97
C GLN A 6 3.70 -1.76 21.37
N VAL A 7 3.82 -2.78 20.50
CA VAL A 7 2.73 -3.40 19.76
C VAL A 7 2.86 -4.89 19.94
N ARG A 8 1.76 -5.55 20.34
CA ARG A 8 1.67 -7.02 20.36
C ARG A 8 0.78 -7.54 19.23
N LEU A 9 1.26 -8.51 18.46
CA LEU A 9 0.43 -9.11 17.39
C LEU A 9 -0.24 -10.27 18.08
N LEU A 10 -1.57 -10.38 18.03
CA LEU A 10 -2.29 -11.27 18.90
C LEU A 10 -2.67 -12.61 18.20
N SER A 11 -2.37 -12.67 16.91
CA SER A 11 -2.64 -13.82 16.08
C SER A 11 -1.76 -13.70 14.85
N GLU A 12 -1.72 -14.80 14.10
CA GLU A 12 -1.11 -14.88 12.77
C GLU A 12 -1.75 -13.89 11.75
N ASN A 13 -3.01 -13.47 11.96
CA ASN A 13 -3.66 -12.49 11.05
C ASN A 13 -3.39 -11.03 11.36
N ALA A 14 -2.84 -10.77 12.56
CA ALA A 14 -2.34 -9.43 12.95
C ALA A 14 -1.19 -8.94 12.07
N ARG A 15 -1.27 -7.69 11.64
CA ARG A 15 -0.19 -7.00 10.96
C ARG A 15 0.28 -5.82 11.84
N MET A 16 1.58 -5.52 11.85
CA MET A 16 2.05 -4.29 12.44
C MET A 16 1.33 -3.04 11.89
N PRO A 17 0.92 -2.12 12.78
CA PRO A 17 0.59 -0.79 12.28
C PRO A 17 1.73 -0.17 11.41
N GLU A 18 1.36 0.76 10.53
CA GLU A 18 2.26 1.19 9.45
C GLU A 18 2.13 2.67 9.19
N ARG A 19 3.21 3.42 9.42
CA ARG A 19 3.30 4.79 8.99
C ARG A 19 3.60 4.80 7.45
N ASN A 20 2.66 5.33 6.67
CA ASN A 20 2.72 5.33 5.19
C ASN A 20 3.89 6.21 4.70
N HIS A 21 3.80 7.51 4.99
CA HIS A 21 4.76 8.53 4.55
C HIS A 21 5.55 9.06 5.72
N LYS A 22 6.73 9.64 5.44
CA LYS A 22 7.68 10.06 6.48
C LYS A 22 7.09 10.91 7.63
N THR A 23 6.19 11.86 7.32
CA THR A 23 5.70 12.84 8.34
C THR A 23 4.18 12.69 8.64
N ASP A 24 3.59 11.57 8.21
CA ASP A 24 2.21 11.24 8.55
C ASP A 24 1.97 11.27 10.08
N ALA A 25 0.78 11.75 10.46
CA ALA A 25 0.32 11.85 11.85
C ALA A 25 0.27 10.49 12.53
N GLY A 26 -0.35 9.53 11.84
CA GLY A 26 -0.57 8.21 12.40
C GLY A 26 -0.10 6.97 11.65
N TYR A 27 -0.66 5.86 12.11
CA TYR A 27 -0.25 4.53 11.70
C TYR A 27 -1.52 3.89 11.18
N ASP A 28 -1.42 3.33 9.99
CA ASP A 28 -2.46 2.55 9.40
C ASP A 28 -2.64 1.19 10.12
N ILE A 29 -3.91 0.80 10.26
CA ILE A 29 -4.36 -0.34 11.04
C ILE A 29 -5.15 -1.25 10.09
N PHE A 30 -4.77 -2.53 10.12
CA PHE A 30 -5.33 -3.55 9.28
C PHE A 30 -6.36 -4.41 10.01
N SER A 31 -7.38 -4.86 9.26
CA SER A 31 -8.34 -5.85 9.71
C SER A 31 -7.66 -7.23 9.86
N ALA A 32 -7.94 -7.94 10.96
CA ALA A 32 -7.50 -9.33 11.13
C ALA A 32 -8.65 -10.26 10.78
N GLU A 33 -9.77 -9.73 10.26
CA GLU A 33 -10.88 -10.60 9.90
C GLU A 33 -11.48 -10.27 8.57
N THR A 34 -12.13 -11.30 8.04
CA THR A 34 -12.87 -11.23 6.79
C THR A 34 -14.34 -11.32 7.14
N VAL A 35 -15.10 -10.28 6.81
CA VAL A 35 -16.49 -10.13 7.23
C VAL A 35 -17.35 -9.39 6.18
N VAL A 36 -18.56 -9.87 5.95
CA VAL A 36 -19.50 -9.20 5.06
C VAL A 36 -20.34 -8.23 5.90
N LEU A 37 -20.61 -7.06 5.34
CA LEU A 37 -21.34 -6.03 6.04
C LEU A 37 -22.33 -5.43 5.08
N GLU A 38 -23.59 -5.80 5.28
CA GLU A 38 -24.66 -5.41 4.37
C GLU A 38 -25.20 -4.07 4.85
N PRO A 39 -26.05 -3.45 4.01
CA PRO A 39 -26.54 -2.14 4.38
C PRO A 39 -27.21 -2.13 5.74
N GLN A 40 -26.81 -1.08 6.49
CA GLN A 40 -27.31 -0.70 7.82
C GLN A 40 -26.71 -1.58 8.95
N GLU A 41 -25.83 -2.52 8.58
CA GLU A 41 -25.21 -3.44 9.56
C GLU A 41 -24.05 -2.81 10.31
N LYS A 42 -23.86 -3.32 11.53
CA LYS A 42 -22.82 -2.87 12.46
C LYS A 42 -21.98 -4.08 12.90
N ALA A 43 -20.72 -3.82 13.20
CA ALA A 43 -19.77 -4.83 13.63
C ALA A 43 -18.59 -4.10 14.31
N VAL A 44 -17.94 -4.77 15.24
CA VAL A 44 -16.56 -4.45 15.69
C VAL A 44 -15.57 -5.37 14.98
N ILE A 45 -14.75 -4.79 14.10
CA ILE A 45 -13.81 -5.57 13.27
C ILE A 45 -12.54 -5.71 14.12
N LYS A 46 -12.10 -6.94 14.33
CA LYS A 46 -10.89 -7.23 15.11
CA LYS A 46 -10.90 -7.09 15.15
C LYS A 46 -9.60 -6.91 14.33
N THR A 47 -8.65 -6.23 14.97
CA THR A 47 -7.33 -5.99 14.39
C THR A 47 -6.38 -7.11 14.81
N ASP A 48 -6.70 -7.77 15.91
CA ASP A 48 -5.76 -8.68 16.58
C ASP A 48 -4.42 -8.04 16.92
N VAL A 49 -4.46 -6.74 17.19
CA VAL A 49 -3.28 -5.93 17.62
C VAL A 49 -3.61 -5.27 18.96
N ALA A 50 -2.65 -5.27 19.91
CA ALA A 50 -2.73 -4.44 21.13
C ALA A 50 -1.56 -3.47 21.09
N VAL A 51 -1.77 -2.27 21.63
CA VAL A 51 -0.73 -1.30 21.82
C VAL A 51 -0.62 -0.94 23.31
N SER A 52 0.47 -0.30 23.70
CA SER A 52 0.56 0.24 25.05
C SER A 52 0.80 1.75 25.03
N ILE A 53 -0.29 2.53 24.91
CA ILE A 53 -0.15 4.01 24.92
C ILE A 53 0.26 4.43 26.32
N PRO A 54 1.34 5.27 26.46
CA PRO A 54 1.69 5.72 27.80
C PRO A 54 0.69 6.72 28.42
N GLU A 55 0.81 6.81 29.73
CA GLU A 55 0.06 7.73 30.54
C GLU A 55 0.35 9.07 29.92
N GLY A 56 -0.64 9.97 29.93
CA GLY A 56 -0.42 11.30 29.32
C GLY A 56 -0.81 11.46 27.84
N TYR A 57 -1.18 10.34 27.21
CA TYR A 57 -1.67 10.26 25.80
C TYR A 57 -3.00 9.46 25.69
N VAL A 58 -3.71 9.68 24.59
CA VAL A 58 -4.86 8.86 24.13
C VAL A 58 -4.59 8.49 22.65
N GLY A 59 -4.97 7.27 22.26
CA GLY A 59 -5.03 6.94 20.84
C GLY A 59 -6.38 7.33 20.24
N LEU A 60 -6.35 7.88 19.02
CA LEU A 60 -7.57 8.08 18.22
C LEU A 60 -7.54 7.07 17.08
N LEU A 61 -8.45 6.12 17.13
CA LEU A 61 -8.54 5.08 16.15
C LEU A 61 -9.69 5.52 15.23
N THR A 62 -9.33 5.92 14.01
CA THR A 62 -10.13 6.84 13.22
C THR A 62 -10.16 6.36 11.73
N SER A 63 -11.07 6.95 10.98
CA SER A 63 -11.20 6.65 9.56
C SER A 63 -10.00 7.13 8.72
N ARG A 64 -9.84 6.48 7.55
CA ARG A 64 -9.02 6.97 6.50
C ARG A 64 -9.92 7.71 5.50
N SER A 65 -9.42 8.82 4.93
CA SER A 65 -10.30 9.68 4.10
C SER A 65 -10.75 8.98 2.82
N GLY A 66 -9.92 8.10 2.26
CA GLY A 66 -10.29 7.37 1.05
C GLY A 66 -11.47 6.39 1.23
N VAL A 67 -11.32 5.49 2.18
CA VAL A 67 -12.43 4.60 2.55
C VAL A 67 -13.72 5.37 2.90
N SER A 68 -13.59 6.37 3.77
CA SER A 68 -14.71 7.20 4.27
C SER A 68 -15.48 7.88 3.15
N SER A 69 -14.73 8.47 2.23
CA SER A 69 -15.29 9.31 1.20
C SER A 69 -15.86 8.55 0.02
N LYS A 70 -15.32 7.35 -0.24
CA LYS A 70 -15.67 6.50 -1.40
C LYS A 70 -16.61 5.30 -1.09
N THR A 71 -16.86 5.03 0.19
CA THR A 71 -17.69 3.91 0.57
C THR A 71 -18.70 4.42 1.59
N HIS A 72 -19.64 3.56 1.94
CA HIS A 72 -20.59 3.81 3.03
C HIS A 72 -20.13 3.34 4.38
N LEU A 73 -18.90 2.83 4.47
CA LEU A 73 -18.32 2.33 5.75
C LEU A 73 -17.96 3.51 6.63
N VAL A 74 -18.74 3.66 7.69
CA VAL A 74 -18.53 4.70 8.70
C VAL A 74 -17.86 4.10 9.94
N ILE A 75 -16.69 4.65 10.30
CA ILE A 75 -15.96 4.22 11.46
C ILE A 75 -16.12 5.27 12.51
N GLU A 76 -16.61 4.86 13.68
CA GLU A 76 -16.71 5.75 14.83
C GLU A 76 -15.35 5.81 15.49
N THR A 77 -14.81 7.03 15.62
CA THR A 77 -13.49 7.20 16.25
C THR A 77 -13.46 6.64 17.67
N GLY A 78 -12.52 5.74 17.88
CA GLY A 78 -12.22 5.11 19.19
C GLY A 78 -11.16 5.88 19.97
N LYS A 79 -11.44 6.08 21.25
CA LYS A 79 -10.52 6.68 22.17
C LYS A 79 -9.83 5.55 22.92
N ILE A 80 -8.53 5.38 22.65
CA ILE A 80 -7.71 4.28 23.22
C ILE A 80 -6.90 4.83 24.40
N ASP A 81 -7.21 4.32 25.58
CA ASP A 81 -6.70 4.82 26.84
C ASP A 81 -5.33 4.21 27.01
N ALA A 82 -4.47 4.96 27.70
CA ALA A 82 -3.16 4.47 28.18
C ALA A 82 -3.41 3.24 29.00
N GLY A 83 -2.53 2.26 28.85
CA GLY A 83 -2.76 0.99 29.50
C GLY A 83 -3.84 0.03 29.02
N TYR A 84 -4.66 0.37 27.99
CA TYR A 84 -5.58 -0.63 27.40
C TYR A 84 -4.70 -1.55 26.55
N HIS A 85 -4.63 -2.81 26.97
CA HIS A 85 -3.75 -3.80 26.35
C HIS A 85 -4.54 -4.87 25.68
N GLY A 86 -5.82 -4.60 25.40
CA GLY A 86 -6.66 -5.49 24.67
C GLY A 86 -6.52 -5.29 23.17
N ASN A 87 -7.21 -6.19 22.46
CA ASN A 87 -7.35 -6.22 21.03
C ASN A 87 -8.12 -4.97 20.57
N LEU A 88 -7.52 -4.19 19.68
CA LEU A 88 -8.15 -2.99 19.18
C LEU A 88 -9.27 -3.41 18.21
N GLY A 89 -10.48 -2.91 18.49
CA GLY A 89 -11.67 -3.16 17.64
C GLY A 89 -12.02 -1.89 16.83
N ILE A 90 -12.28 -2.08 15.55
CA ILE A 90 -12.73 -1.04 14.63
C ILE A 90 -14.26 -1.05 14.57
N ASN A 91 -14.83 0.07 15.06
CA ASN A 91 -16.26 0.17 15.37
C ASN A 91 -16.92 0.78 14.13
N ILE A 92 -17.60 -0.07 13.37
CA ILE A 92 -17.92 0.21 11.96
C ILE A 92 -19.45 0.00 11.68
N LYS A 93 -19.99 0.81 10.76
CA LYS A 93 -21.32 0.67 10.23
C LYS A 93 -21.27 0.79 8.71
N ASN A 94 -22.04 -0.04 8.05
CA ASN A 94 -22.36 0.19 6.65
C ASN A 94 -23.60 0.99 6.62
N ASP A 95 -23.45 2.29 6.38
CA ASP A 95 -24.59 3.19 6.41
C ASP A 95 -25.36 3.42 5.06
N ALA A 96 -25.17 2.53 4.09
CA ALA A 96 -25.97 2.47 2.87
C ALA A 96 -27.37 2.17 3.31
N ILE A 97 -28.35 2.72 2.62
CA ILE A 97 -29.77 2.32 2.83
C ILE A 97 -30.00 0.98 2.13
N ALA A 98 -30.76 0.06 2.76
CA ALA A 98 -31.00 -1.32 2.24
C ALA A 98 -31.57 -1.29 0.80
N SER A 99 -31.17 -2.27 -0.03
CA SER A 99 -31.63 -2.40 -1.48
C SER A 99 -33.09 -3.01 -1.67
N ASN A 100 -33.79 -3.30 -0.55
CA ASN A 100 -35.18 -3.78 -0.58
C ASN A 100 -35.33 -5.14 -1.31
N GLY A 101 -34.22 -5.88 -1.44
CA GLY A 101 -34.15 -7.17 -2.16
C GLY A 101 -33.38 -7.29 -3.47
N TYR A 102 -32.89 -6.16 -4.07
CA TYR A 102 -32.03 -6.17 -5.31
C TYR A 102 -30.69 -6.82 -5.00
N ILE A 103 -30.37 -7.93 -5.70
CA ILE A 103 -29.09 -8.66 -5.51
C ILE A 103 -28.19 -8.63 -6.76
N THR A 104 -26.88 -8.66 -6.54
CA THR A 104 -25.85 -8.51 -7.56
C THR A 104 -24.80 -9.56 -7.22
N PRO A 105 -24.24 -10.24 -8.24
CA PRO A 105 -23.14 -11.21 -7.99
C PRO A 105 -21.80 -10.62 -7.40
N GLY A 106 -21.57 -9.33 -7.58
CA GLY A 106 -20.41 -8.65 -7.00
C GLY A 106 -20.65 -8.25 -5.55
N VAL A 107 -19.55 -7.96 -4.84
CA VAL A 107 -19.54 -7.19 -3.58
C VAL A 107 -18.55 -6.03 -3.76
N PHE A 108 -18.82 -4.91 -3.09
CA PHE A 108 -17.85 -3.83 -2.94
C PHE A 108 -16.75 -4.15 -1.93
N ASP A 109 -15.56 -3.64 -2.20
CA ASP A 109 -14.46 -3.69 -1.21
C ASP A 109 -14.26 -2.26 -0.69
N ILE A 110 -13.22 -2.05 0.11
CA ILE A 110 -13.00 -0.73 0.73
C ILE A 110 -12.44 0.36 -0.19
N LYS A 111 -12.11 -0.01 -1.44
CA LYS A 111 -11.63 0.93 -2.44
C LYS A 111 -12.80 1.52 -3.25
N GLY A 112 -14.03 1.10 -2.97
CA GLY A 112 -15.18 1.36 -3.85
C GLY A 112 -15.36 0.41 -5.06
N GLU A 113 -14.54 -0.64 -5.16
CA GLU A 113 -14.52 -1.50 -6.37
C GLU A 113 -15.28 -2.83 -6.19
N ILE A 114 -15.68 -3.49 -7.29
CA ILE A 114 -16.49 -4.71 -7.21
C ILE A 114 -15.68 -5.98 -7.41
N ASP A 115 -15.79 -6.91 -6.45
CA ASP A 115 -15.14 -8.24 -6.50
C ASP A 115 -16.17 -9.39 -6.60
N LEU A 116 -15.72 -10.54 -7.12
CA LEU A 116 -16.50 -11.76 -7.09
C LEU A 116 -16.69 -12.10 -5.61
N SER A 117 -17.82 -12.70 -5.31
CA SER A 117 -18.26 -12.98 -3.97
C SER A 117 -18.63 -14.47 -3.90
N ASP A 118 -18.79 -15.02 -2.67
CA ASP A 118 -19.26 -16.42 -2.43
C ASP A 118 -20.80 -16.64 -2.53
N ALA A 119 -21.54 -15.54 -2.57
CA ALA A 119 -23.01 -15.56 -2.72
C ALA A 119 -23.41 -14.38 -3.63
N ILE A 120 -24.63 -14.44 -4.16
CA ILE A 120 -25.21 -13.30 -4.89
C ILE A 120 -25.90 -12.44 -3.81
N ARG A 121 -25.32 -11.25 -3.55
CA ARG A 121 -25.61 -10.46 -2.35
C ARG A 121 -26.33 -9.12 -2.58
N GLN A 122 -27.05 -8.66 -1.55
CA GLN A 122 -27.79 -7.38 -1.64
C GLN A 122 -26.86 -6.27 -2.10
N TYR A 123 -27.31 -5.48 -3.09
CA TYR A 123 -26.54 -4.36 -3.56
C TYR A 123 -26.28 -3.36 -2.42
N GLY A 124 -25.03 -2.89 -2.33
CA GLY A 124 -24.60 -2.03 -1.24
C GLY A 124 -23.81 -2.75 -0.13
N THR A 125 -23.77 -4.08 -0.18
CA THR A 125 -22.90 -4.93 0.68
C THR A 125 -21.41 -4.76 0.35
N TYR A 126 -20.61 -4.73 1.44
CA TYR A 126 -19.18 -4.72 1.38
C TYR A 126 -18.66 -6.01 1.95
N GLN A 127 -17.52 -6.46 1.42
CA GLN A 127 -16.71 -7.45 2.11
C GLN A 127 -15.42 -6.79 2.55
N ILE A 128 -15.15 -6.91 3.84
CA ILE A 128 -13.88 -6.48 4.46
C ILE A 128 -13.08 -7.77 4.55
N ASN A 129 -11.85 -7.72 4.03
CA ASN A 129 -10.93 -8.82 4.03
C ASN A 129 -9.80 -8.65 5.01
N GLU A 130 -9.41 -9.76 5.58
CA GLU A 130 -8.23 -9.85 6.38
C GLU A 130 -7.09 -9.20 5.57
N GLY A 131 -6.41 -8.25 6.23
CA GLY A 131 -5.36 -7.45 5.61
C GLY A 131 -5.77 -6.08 5.06
N ASP A 132 -7.07 -5.78 5.00
CA ASP A 132 -7.52 -4.49 4.49
C ASP A 132 -7.03 -3.38 5.44
N LYS A 133 -6.50 -2.32 4.84
CA LYS A 133 -6.04 -1.14 5.52
C LYS A 133 -7.29 -0.27 5.78
N LEU A 134 -7.89 -0.51 6.93
CA LEU A 134 -9.28 -0.06 7.23
C LEU A 134 -9.41 1.27 8.05
N ALA A 135 -8.41 1.55 8.89
CA ALA A 135 -8.45 2.61 9.90
C ALA A 135 -7.03 3.09 10.08
N GLN A 136 -6.87 4.07 11.00
CA GLN A 136 -5.59 4.60 11.38
C GLN A 136 -5.60 5.04 12.82
N LEU A 137 -4.42 5.13 13.40
CA LEU A 137 -4.28 5.39 14.82
C LEU A 137 -3.33 6.61 14.90
N VAL A 138 -3.79 7.65 15.57
CA VAL A 138 -3.06 8.90 15.78
C VAL A 138 -3.03 9.10 17.32
N ILE A 139 -1.86 9.37 17.89
CA ILE A 139 -1.69 9.43 19.38
C ILE A 139 -1.46 10.89 19.76
N VAL A 140 -2.31 11.40 20.67
CA VAL A 140 -2.35 12.83 21.01
C VAL A 140 -2.07 12.93 22.52
N PRO A 141 -1.29 13.94 22.95
CA PRO A 141 -1.26 14.14 24.43
C PRO A 141 -2.63 14.64 25.05
N ILE A 142 -2.88 14.26 26.27
CA ILE A 142 -4.12 14.65 26.98
C ILE A 142 -3.80 15.42 28.29
N TRP A 143 -4.78 16.20 28.74
CA TRP A 143 -4.72 16.87 30.04
C TRP A 143 -5.73 16.19 30.87
N THR A 144 -5.28 15.62 32.01
CA THR A 144 -6.19 14.89 32.93
C THR A 144 -6.21 15.48 34.36
N PRO A 145 -6.70 16.74 34.52
CA PRO A 145 -6.75 17.37 35.86
C PRO A 145 -7.74 16.74 36.85
N GLU A 146 -7.50 17.01 38.12
CA GLU A 146 -8.53 16.86 39.18
C GLU A 146 -9.62 17.89 38.85
N LEU A 147 -10.86 17.52 39.10
CA LEU A 147 -11.98 18.42 38.93
C LEU A 147 -12.28 19.19 40.24
N LYS A 148 -12.56 20.49 40.15
CA LYS A 148 -13.09 21.21 41.31
C LYS A 148 -14.49 21.72 40.98
N GLN A 149 -15.46 21.24 41.75
CA GLN A 149 -16.79 21.79 41.73
C GLN A 149 -16.82 23.18 42.36
N VAL A 150 -17.31 24.15 41.59
CA VAL A 150 -17.44 25.55 42.01
C VAL A 150 -18.89 26.02 41.84
N GLU A 151 -19.29 26.92 42.71
CA GLU A 151 -20.62 27.53 42.65
C GLU A 151 -20.62 28.53 41.51
N GLU A 152 -19.47 29.19 41.31
CA GLU A 152 -19.32 30.21 40.29
C GLU A 152 -17.89 30.07 39.75
N PHE A 153 -17.70 30.36 38.46
CA PHE A 153 -16.34 30.36 37.85
C PHE A 153 -15.44 31.53 38.32
N GLU A 154 -14.19 31.22 38.72
CA GLU A 154 -13.20 32.23 39.18
C GLU A 154 -11.83 31.89 38.61
N SER A 155 -11.15 32.86 37.98
CA SER A 155 -9.83 32.59 37.39
C SER A 155 -8.71 33.45 38.01
N ASN B 3 3.23 31.18 17.28
CA ASN B 3 4.05 30.86 16.05
C ASN B 3 3.16 31.26 14.86
N THR B 4 3.53 30.91 13.63
CA THR B 4 2.65 31.17 12.46
C THR B 4 2.31 29.86 11.64
N LEU B 5 1.12 29.81 11.08
CA LEU B 5 0.73 28.75 10.14
C LEU B 5 0.58 29.33 8.71
N GLN B 6 1.36 28.79 7.78
CA GLN B 6 1.23 29.19 6.38
C GLN B 6 -0.05 28.66 5.75
N VAL B 7 -0.75 29.55 5.05
CA VAL B 7 -1.96 29.22 4.31
C VAL B 7 -1.81 29.71 2.86
N ARG B 8 -2.10 28.84 1.89
CA ARG B 8 -2.25 29.24 0.48
C ARG B 8 -3.71 29.21 0.07
N LEU B 9 -4.20 30.30 -0.53
CA LEU B 9 -5.50 30.33 -1.16
C LEU B 9 -5.29 29.88 -2.61
N LEU B 10 -6.08 28.91 -3.07
CA LEU B 10 -5.80 28.25 -4.40
C LEU B 10 -6.71 28.74 -5.51
N SER B 11 -7.69 29.55 -5.15
CA SER B 11 -8.49 30.22 -6.17
C SER B 11 -9.07 31.51 -5.62
N GLU B 12 -9.77 32.18 -6.54
CA GLU B 12 -10.56 33.37 -6.26
C GLU B 12 -11.77 33.05 -5.36
N ASN B 13 -12.22 31.79 -5.35
CA ASN B 13 -13.36 31.31 -4.53
C ASN B 13 -12.97 30.97 -3.06
N ALA B 14 -11.67 31.00 -2.77
CA ALA B 14 -11.12 30.64 -1.44
C ALA B 14 -11.17 31.80 -0.46
N ARG B 15 -11.11 31.46 0.81
CA ARG B 15 -11.17 32.50 1.81
C ARG B 15 -10.33 32.06 2.96
N MET B 16 -9.56 33.02 3.47
CA MET B 16 -8.70 32.77 4.62
C MET B 16 -9.55 32.17 5.74
N PRO B 17 -9.14 31.01 6.27
CA PRO B 17 -9.80 30.55 7.50
C PRO B 17 -9.80 31.61 8.61
N GLU B 18 -10.66 31.41 9.61
CA GLU B 18 -11.03 32.49 10.52
C GLU B 18 -11.35 31.95 11.89
N ARG B 19 -10.69 32.49 12.90
CA ARG B 19 -10.97 32.18 14.31
C ARG B 19 -11.99 33.11 14.90
N ASN B 20 -13.07 32.50 15.39
CA ASN B 20 -14.23 33.23 15.95
C ASN B 20 -13.77 34.14 17.13
N HIS B 21 -13.16 33.59 18.17
CA HIS B 21 -12.62 34.45 19.25
C HIS B 21 -11.15 34.18 19.39
N LYS B 22 -10.51 34.95 20.26
CA LYS B 22 -9.06 34.91 20.51
C LYS B 22 -8.53 33.55 21.04
N THR B 23 -9.35 32.81 21.81
CA THR B 23 -8.93 31.52 22.40
C THR B 23 -9.65 30.24 21.81
N ASP B 24 -10.53 30.47 20.83
CA ASP B 24 -11.20 29.37 20.16
C ASP B 24 -10.22 28.36 19.54
N ALA B 25 -10.57 27.08 19.72
CA ALA B 25 -9.78 25.96 19.23
C ALA B 25 -9.61 26.02 17.70
N GLY B 26 -10.70 26.30 17.00
CA GLY B 26 -10.74 26.12 15.56
C GLY B 26 -10.70 27.40 14.73
N TYR B 27 -10.09 27.23 13.56
CA TYR B 27 -10.21 28.16 12.42
C TYR B 27 -11.36 27.65 11.55
N ASP B 28 -12.37 28.50 11.41
CA ASP B 28 -13.50 28.23 10.58
C ASP B 28 -13.08 28.22 9.12
N ILE B 29 -13.63 27.25 8.42
CA ILE B 29 -13.23 26.90 7.08
C ILE B 29 -14.48 27.10 6.19
N PHE B 30 -14.25 27.66 5.00
CA PHE B 30 -15.32 28.06 4.07
C PHE B 30 -15.33 27.22 2.81
N SER B 31 -16.54 26.95 2.31
CA SER B 31 -16.70 26.26 1.06
C SER B 31 -16.24 27.15 -0.13
N ALA B 32 -15.48 26.56 -1.06
CA ALA B 32 -15.14 27.19 -2.30
C ALA B 32 -16.11 26.74 -3.39
N GLU B 33 -17.14 25.96 -3.04
CA GLU B 33 -18.09 25.44 -4.03
C GLU B 33 -19.55 25.53 -3.63
N THR B 34 -20.39 25.68 -4.67
CA THR B 34 -21.83 25.63 -4.55
C THR B 34 -22.25 24.27 -5.08
N VAL B 35 -22.85 23.46 -4.21
CA VAL B 35 -23.29 22.13 -4.57
C VAL B 35 -24.61 21.76 -3.85
N VAL B 36 -25.52 21.16 -4.64
CA VAL B 36 -26.75 20.59 -4.15
C VAL B 36 -26.45 19.17 -3.66
N LEU B 37 -26.92 18.83 -2.47
CA LEU B 37 -26.71 17.52 -1.89
C LEU B 37 -28.05 16.97 -1.34
N GLU B 38 -28.56 15.94 -2.00
CA GLU B 38 -29.87 15.38 -1.69
C GLU B 38 -29.72 14.24 -0.68
N PRO B 39 -30.83 13.82 -0.05
CA PRO B 39 -30.73 12.76 0.97
C PRO B 39 -29.93 11.56 0.50
N GLN B 40 -29.04 11.18 1.41
CA GLN B 40 -28.16 10.04 1.30
C GLN B 40 -26.94 10.27 0.39
N GLU B 41 -26.84 11.45 -0.22
CA GLU B 41 -25.68 11.80 -1.11
C GLU B 41 -24.42 12.20 -0.38
N LYS B 42 -23.28 11.90 -1.00
CA LYS B 42 -21.94 12.10 -0.46
C LYS B 42 -21.14 12.98 -1.45
N ALA B 43 -20.31 13.86 -0.92
CA ALA B 43 -19.40 14.68 -1.70
C ALA B 43 -18.19 15.04 -0.83
N VAL B 44 -17.14 15.49 -1.52
CA VAL B 44 -15.97 16.17 -0.92
C VAL B 44 -16.08 17.60 -1.44
N ILE B 45 -16.34 18.49 -0.50
CA ILE B 45 -16.50 19.88 -0.75
C ILE B 45 -15.11 20.54 -0.68
N LYS B 46 -14.77 21.26 -1.75
CA LYS B 46 -13.47 21.91 -1.82
C LYS B 46 -13.51 23.22 -1.08
N THR B 47 -12.41 23.48 -0.36
CA THR B 47 -12.18 24.74 0.37
C THR B 47 -11.35 25.74 -0.48
N ASP B 48 -10.68 25.18 -1.48
CA ASP B 48 -9.59 25.85 -2.21
C ASP B 48 -8.54 26.51 -1.27
N VAL B 49 -8.21 25.79 -0.22
CA VAL B 49 -7.22 26.27 0.75
C VAL B 49 -6.22 25.12 0.97
N ALA B 50 -4.91 25.43 0.91
CA ALA B 50 -3.85 24.54 1.42
C ALA B 50 -3.21 25.18 2.68
N VAL B 51 -2.81 24.33 3.62
CA VAL B 51 -2.06 24.78 4.80
C VAL B 51 -0.76 23.96 4.83
N SER B 52 0.24 24.42 5.58
CA SER B 52 1.44 23.64 5.87
C SER B 52 1.57 23.47 7.40
N ILE B 53 0.97 22.39 7.89
CA ILE B 53 1.05 22.02 9.31
C ILE B 53 2.46 21.48 9.54
N PRO B 54 3.12 21.98 10.59
CA PRO B 54 4.44 21.43 10.82
C PRO B 54 4.39 19.98 11.38
N GLU B 55 5.50 19.27 11.17
CA GLU B 55 5.69 17.96 11.72
C GLU B 55 5.49 18.02 13.25
N GLY B 56 4.86 16.99 13.81
CA GLY B 56 4.59 16.99 15.25
C GLY B 56 3.23 17.58 15.64
N TYR B 57 2.42 17.91 14.63
CA TYR B 57 1.02 18.31 14.78
C TYR B 57 0.14 17.65 13.71
N VAL B 58 -1.15 17.53 14.02
CA VAL B 58 -2.16 17.05 13.09
C VAL B 58 -3.33 18.05 13.08
N GLY B 59 -3.85 18.27 11.88
CA GLY B 59 -5.04 19.07 11.75
C GLY B 59 -6.24 18.13 11.78
N LEU B 60 -7.29 18.59 12.43
CA LEU B 60 -8.56 17.90 12.47
C LEU B 60 -9.58 18.80 11.80
N LEU B 61 -9.98 18.37 10.62
CA LEU B 61 -10.93 19.11 9.84
C LEU B 61 -12.31 18.55 10.19
N THR B 62 -13.10 19.36 10.86
CA THR B 62 -14.17 18.86 11.69
C THR B 62 -15.43 19.72 11.66
N SER B 63 -16.50 19.13 12.11
CA SER B 63 -17.81 19.78 12.06
C SER B 63 -17.91 21.01 13.00
N ARG B 64 -18.85 21.90 12.67
CA ARG B 64 -19.34 22.95 13.57
C ARG B 64 -20.62 22.45 14.23
N SER B 65 -20.81 22.77 15.51
CA SER B 65 -21.98 22.22 16.23
C SER B 65 -23.36 22.73 15.75
N GLY B 66 -23.39 23.96 15.19
CA GLY B 66 -24.63 24.51 14.67
C GLY B 66 -25.02 23.77 13.38
N VAL B 67 -24.11 23.70 12.44
CA VAL B 67 -24.41 22.92 11.20
C VAL B 67 -24.79 21.49 11.54
N SER B 68 -23.97 20.92 12.41
CA SER B 68 -24.13 19.49 12.77
C SER B 68 -25.48 19.17 13.45
N SER B 69 -25.84 19.96 14.47
CA SER B 69 -27.01 19.72 15.25
C SER B 69 -28.29 20.07 14.53
N LYS B 70 -28.20 20.99 13.61
CA LYS B 70 -29.38 21.58 13.02
C LYS B 70 -29.66 21.03 11.63
N THR B 71 -28.74 20.28 11.05
CA THR B 71 -28.96 19.78 9.70
C THR B 71 -28.62 18.30 9.62
N HIS B 72 -28.86 17.72 8.46
CA HIS B 72 -28.46 16.32 8.20
C HIS B 72 -27.11 16.19 7.63
N LEU B 73 -26.39 17.31 7.56
CA LEU B 73 -25.07 17.34 6.96
C LEU B 73 -24.04 16.86 7.96
N VAL B 74 -23.49 15.66 7.67
CA VAL B 74 -22.55 14.95 8.53
C VAL B 74 -21.18 15.05 7.85
N ILE B 75 -20.24 15.66 8.56
CA ILE B 75 -18.88 15.73 8.15
C ILE B 75 -18.06 14.69 8.95
N GLU B 76 -17.35 13.84 8.20
CA GLU B 76 -16.37 12.94 8.77
C GLU B 76 -15.11 13.75 8.99
N THR B 77 -14.72 13.87 10.23
CA THR B 77 -13.45 14.53 10.62
C THR B 77 -12.25 13.96 9.84
N GLY B 78 -11.57 14.89 9.20
CA GLY B 78 -10.39 14.60 8.40
C GLY B 78 -9.16 14.84 9.20
N LYS B 79 -8.25 13.89 9.11
CA LYS B 79 -6.93 14.02 9.74
C LYS B 79 -6.01 14.57 8.66
N ILE B 80 -5.52 15.77 8.89
CA ILE B 80 -4.69 16.49 7.92
C ILE B 80 -3.20 16.35 8.35
N ASP B 81 -2.40 15.57 7.59
CA ASP B 81 -1.00 15.34 7.96
C ASP B 81 -0.14 16.58 7.72
N ALA B 82 0.90 16.67 8.56
CA ALA B 82 2.01 17.63 8.41
C ALA B 82 2.56 17.72 6.96
N GLY B 83 2.71 16.61 6.25
CA GLY B 83 3.24 16.85 4.84
C GLY B 83 2.25 17.29 3.72
N TYR B 84 1.00 17.57 4.06
CA TYR B 84 -0.02 17.71 3.03
C TYR B 84 -0.23 19.15 2.62
N HIS B 85 0.09 19.45 1.36
CA HIS B 85 -0.05 20.82 0.81
C HIS B 85 -1.09 20.92 -0.30
N GLY B 86 -1.98 19.94 -0.38
CA GLY B 86 -3.11 19.98 -1.27
C GLY B 86 -4.33 20.74 -0.74
N ASN B 87 -5.36 20.72 -1.58
CA ASN B 87 -6.68 21.31 -1.32
C ASN B 87 -7.30 20.46 -0.18
N LEU B 88 -7.69 21.16 0.87
CA LEU B 88 -8.39 20.56 1.98
C LEU B 88 -9.81 20.32 1.47
N GLY B 89 -10.19 19.05 1.47
CA GLY B 89 -11.55 18.63 1.15
C GLY B 89 -12.38 18.28 2.40
N ILE B 90 -13.62 18.81 2.45
CA ILE B 90 -14.61 18.51 3.48
C ILE B 90 -15.50 17.29 3.06
N ASN B 91 -15.32 16.20 3.79
CA ASN B 91 -15.91 14.89 3.57
C ASN B 91 -17.32 14.84 4.21
N ILE B 92 -18.35 14.99 3.36
CA ILE B 92 -19.76 15.26 3.76
C ILE B 92 -20.72 14.23 3.19
N LYS B 93 -21.81 13.96 3.94
CA LYS B 93 -22.95 13.17 3.55
C LYS B 93 -24.21 13.93 4.01
N ASN B 94 -25.25 13.93 3.18
CA ASN B 94 -26.58 14.28 3.66
C ASN B 94 -27.18 12.99 4.15
N ASP B 95 -27.23 12.82 5.49
CA ASP B 95 -27.76 11.57 6.08
C ASP B 95 -29.30 11.56 6.33
N ALA B 96 -30.02 12.54 5.76
CA ALA B 96 -31.50 12.46 5.73
C ALA B 96 -31.92 11.27 4.89
N ILE B 97 -33.05 10.67 5.29
CA ILE B 97 -33.64 9.53 4.59
C ILE B 97 -34.34 10.08 3.34
N ALA B 98 -34.28 9.31 2.26
CA ALA B 98 -34.81 9.74 0.98
C ALA B 98 -36.35 10.02 1.07
N SER B 99 -36.77 11.12 0.44
CA SER B 99 -38.21 11.58 0.34
C SER B 99 -39.18 10.71 -0.55
N ASN B 100 -38.63 9.71 -1.27
CA ASN B 100 -39.38 8.87 -2.24
C ASN B 100 -40.19 9.70 -3.29
N GLY B 101 -39.67 10.89 -3.61
CA GLY B 101 -40.25 11.80 -4.60
C GLY B 101 -41.26 12.87 -4.15
N TYR B 102 -41.36 13.22 -2.83
CA TYR B 102 -42.01 14.52 -2.37
C TYR B 102 -41.09 15.69 -2.78
N ILE B 103 -41.57 16.59 -3.64
CA ILE B 103 -40.76 17.75 -4.03
C ILE B 103 -41.39 19.07 -3.59
N THR B 104 -40.52 20.07 -3.38
CA THR B 104 -40.89 21.40 -2.88
C THR B 104 -39.96 22.41 -3.49
N PRO B 105 -40.43 23.67 -3.57
CA PRO B 105 -39.65 24.65 -4.34
C PRO B 105 -38.40 25.21 -3.61
N GLY B 106 -38.36 25.04 -2.28
CA GLY B 106 -37.20 25.48 -1.51
C GLY B 106 -36.16 24.38 -1.26
N VAL B 107 -34.97 24.80 -0.86
CA VAL B 107 -33.87 23.95 -0.40
C VAL B 107 -33.42 24.46 0.97
N PHE B 108 -32.83 23.57 1.75
CA PHE B 108 -32.22 23.92 3.01
C PHE B 108 -30.80 24.39 2.78
N ASP B 109 -30.43 25.35 3.61
CA ASP B 109 -29.05 25.75 3.77
C ASP B 109 -28.47 25.24 5.09
N ILE B 110 -27.20 25.57 5.32
CA ILE B 110 -26.42 25.07 6.46
C ILE B 110 -26.86 25.70 7.80
N LYS B 111 -27.68 26.75 7.81
CA LYS B 111 -28.34 27.30 9.02
C LYS B 111 -29.67 26.54 9.36
N GLY B 112 -30.07 25.60 8.50
CA GLY B 112 -31.39 24.96 8.65
C GLY B 112 -32.60 25.78 8.20
N GLU B 113 -32.37 26.87 7.47
CA GLU B 113 -33.42 27.71 6.88
C GLU B 113 -33.68 27.30 5.44
N ILE B 114 -34.77 27.82 4.87
CA ILE B 114 -35.15 27.50 3.49
C ILE B 114 -34.84 28.59 2.48
N ASP B 115 -34.09 28.27 1.44
CA ASP B 115 -33.85 29.21 0.34
C ASP B 115 -34.59 28.85 -0.96
N LEU B 116 -34.80 29.86 -1.83
CA LEU B 116 -35.25 29.68 -3.20
C LEU B 116 -34.24 28.84 -3.97
N SER B 117 -34.74 27.90 -4.74
CA SER B 117 -33.91 27.04 -5.59
C SER B 117 -34.19 27.29 -7.10
N ASP B 118 -33.32 26.71 -7.93
CA ASP B 118 -33.42 26.72 -9.38
C ASP B 118 -34.23 25.52 -9.88
N ALA B 119 -34.76 24.71 -8.95
CA ALA B 119 -35.51 23.51 -9.30
C ALA B 119 -36.49 23.24 -8.19
N ILE B 120 -37.51 22.43 -8.48
CA ILE B 120 -38.41 21.93 -7.42
C ILE B 120 -37.83 20.59 -7.03
N ARG B 121 -37.23 20.57 -5.85
CA ARG B 121 -36.30 19.51 -5.45
C ARG B 121 -36.88 18.68 -4.33
N GLN B 122 -36.41 17.43 -4.25
CA GLN B 122 -36.81 16.52 -3.21
C GLN B 122 -36.57 17.11 -1.79
N TYR B 123 -37.57 16.95 -0.92
CA TYR B 123 -37.56 17.52 0.41
C TYR B 123 -36.40 16.86 1.20
N GLY B 124 -35.61 17.66 1.91
CA GLY B 124 -34.42 17.14 2.63
C GLY B 124 -33.09 17.42 1.90
N THR B 125 -33.21 17.99 0.70
CA THR B 125 -32.07 18.44 -0.09
C THR B 125 -31.53 19.74 0.52
N TYR B 126 -30.20 19.84 0.59
CA TYR B 126 -29.45 21.04 1.01
C TYR B 126 -28.72 21.67 -0.17
N GLN B 127 -28.63 23.00 -0.18
CA GLN B 127 -27.67 23.66 -1.04
C GLN B 127 -26.55 24.33 -0.18
N ILE B 128 -25.34 23.84 -0.40
CA ILE B 128 -24.13 24.39 0.18
C ILE B 128 -23.68 25.42 -0.86
N ASN B 129 -23.42 26.61 -0.38
CA ASN B 129 -23.04 27.72 -1.24
C ASN B 129 -21.62 28.07 -0.97
N GLU B 130 -20.95 28.39 -2.07
CA GLU B 130 -19.65 29.01 -2.05
C GLU B 130 -19.69 30.06 -0.94
N GLY B 131 -18.74 30.04 0.01
CA GLY B 131 -18.69 31.06 1.09
C GLY B 131 -19.25 30.57 2.42
N ASP B 132 -20.00 29.46 2.39
CA ASP B 132 -20.54 28.88 3.63
C ASP B 132 -19.44 28.48 4.59
N LYS B 133 -19.63 28.86 5.84
CA LYS B 133 -18.74 28.49 6.97
C LYS B 133 -19.16 27.08 7.46
N LEU B 134 -18.64 26.08 6.76
CA LEU B 134 -19.14 24.71 6.76
C LEU B 134 -18.45 23.77 7.79
N ALA B 135 -17.18 24.03 8.07
CA ALA B 135 -16.35 23.21 9.00
C ALA B 135 -15.36 24.08 9.76
N GLN B 136 -14.56 23.44 10.60
CA GLN B 136 -13.45 24.10 11.32
C GLN B 136 -12.25 23.19 11.40
N LEU B 137 -11.10 23.81 11.62
CA LEU B 137 -9.79 23.17 11.62
C LEU B 137 -9.13 23.41 12.97
N VAL B 138 -8.96 22.33 13.74
CA VAL B 138 -8.33 22.36 15.06
C VAL B 138 -6.99 21.64 14.92
N ILE B 139 -5.90 22.24 15.40
CA ILE B 139 -4.54 21.66 15.30
C ILE B 139 -4.04 21.26 16.70
N VAL B 140 -3.55 20.02 16.80
CA VAL B 140 -3.21 19.42 18.05
C VAL B 140 -1.84 18.77 17.89
N PRO B 141 -1.02 18.82 18.94
CA PRO B 141 0.28 18.13 18.83
C PRO B 141 0.07 16.62 18.83
N ILE B 142 1.01 15.88 18.22
CA ILE B 142 0.95 14.43 18.16
C ILE B 142 2.26 13.82 18.62
N TRP B 143 2.19 12.51 18.85
CA TRP B 143 3.30 11.71 19.19
C TRP B 143 3.36 10.64 18.16
N THR B 144 4.52 10.56 17.47
CA THR B 144 4.69 9.62 16.38
C THR B 144 6.01 8.86 16.62
N PRO B 145 6.04 8.03 17.68
CA PRO B 145 7.20 7.18 17.98
C PRO B 145 7.54 6.11 16.91
N GLU B 146 8.71 5.54 17.03
CA GLU B 146 9.00 4.31 16.33
C GLU B 146 8.21 3.19 17.02
N LEU B 147 7.88 2.15 16.27
CA LEU B 147 7.12 1.04 16.83
C LEU B 147 8.12 -0.09 17.17
N LYS B 148 7.88 -0.76 18.31
CA LYS B 148 8.59 -2.00 18.70
C LYS B 148 7.56 -3.09 18.94
N GLN B 149 7.62 -4.15 18.12
CA GLN B 149 6.87 -5.36 18.37
C GLN B 149 7.43 -6.09 19.60
N VAL B 150 6.54 -6.50 20.50
CA VAL B 150 6.90 -7.19 21.73
C VAL B 150 6.00 -8.40 21.90
N GLU B 151 6.45 -9.37 22.68
CA GLU B 151 5.64 -10.53 23.03
C GLU B 151 4.81 -10.24 24.29
N GLU B 152 5.34 -9.37 25.16
CA GLU B 152 4.71 -8.94 26.41
C GLU B 152 4.96 -7.44 26.54
N PHE B 153 3.99 -6.71 27.06
CA PHE B 153 4.16 -5.31 27.34
C PHE B 153 4.98 -5.15 28.58
N GLU B 154 5.82 -4.13 28.52
CA GLU B 154 6.57 -3.68 29.65
C GLU B 154 6.03 -2.28 30.07
N SER B 155 6.00 -2.06 31.37
CA SER B 155 5.93 -0.72 31.97
C SER B 155 7.07 -0.64 33.00
N PHE B 164 -15.81 -2.23 26.16
CA PHE B 164 -17.05 -1.71 25.55
C PHE B 164 -18.28 -1.95 26.47
N THR C 2 -2.81 25.32 36.15
CA THR C 2 -3.21 24.40 37.27
C THR C 2 -3.26 22.94 36.77
N ASN C 3 -3.33 21.99 37.70
CA ASN C 3 -3.86 20.68 37.35
C ASN C 3 -5.26 20.53 37.99
N THR C 4 -6.05 21.60 37.82
CA THR C 4 -7.47 21.64 38.22
C THR C 4 -8.36 22.15 37.07
N LEU C 5 -9.50 21.50 36.86
CA LEU C 5 -10.53 21.98 35.94
C LEU C 5 -11.74 22.32 36.81
N GLN C 6 -12.23 23.56 36.72
CA GLN C 6 -13.43 23.89 37.42
C GLN C 6 -14.69 23.43 36.66
N VAL C 7 -15.66 22.95 37.44
CA VAL C 7 -16.89 22.36 36.94
C VAL C 7 -18.06 22.99 37.70
N ARG C 8 -19.13 23.36 36.98
CA ARG C 8 -20.26 24.02 37.66
C ARG C 8 -21.50 23.22 37.31
N LEU C 9 -22.17 22.70 38.33
CA LEU C 9 -23.39 21.95 38.11
C LEU C 9 -24.55 22.92 38.00
N LEU C 10 -25.28 22.80 36.91
CA LEU C 10 -26.35 23.75 36.63
C LEU C 10 -27.71 23.31 37.23
N SER C 11 -27.85 22.07 37.68
CA SER C 11 -29.05 21.62 38.37
C SER C 11 -28.79 20.38 39.19
N GLU C 12 -29.82 20.02 39.95
CA GLU C 12 -29.89 18.72 40.68
C GLU C 12 -29.97 17.48 39.74
N ASN C 13 -30.26 17.67 38.46
CA ASN C 13 -30.23 16.56 37.50
C ASN C 13 -28.85 16.31 36.97
N ALA C 14 -27.97 17.30 37.20
CA ALA C 14 -26.54 17.26 36.89
C ALA C 14 -25.76 16.33 37.80
N ARG C 15 -24.76 15.71 37.19
CA ARG C 15 -23.86 14.81 37.92
C ARG C 15 -22.44 15.16 37.57
N MET C 16 -21.58 15.22 38.58
CA MET C 16 -20.14 15.46 38.34
C MET C 16 -19.62 14.45 37.32
N PRO C 17 -18.91 14.94 36.27
CA PRO C 17 -18.16 14.01 35.41
C PRO C 17 -17.20 13.16 36.23
N GLU C 18 -16.92 11.93 35.78
CA GLU C 18 -16.15 10.96 36.56
C GLU C 18 -15.09 10.27 35.72
N ARG C 19 -13.84 10.27 36.16
CA ARG C 19 -12.86 9.29 35.60
C ARG C 19 -12.93 7.80 36.04
N ASN C 20 -13.05 6.92 35.04
CA ASN C 20 -13.28 5.46 35.19
C ASN C 20 -12.07 4.69 35.82
N HIS C 21 -10.85 4.99 35.35
CA HIS C 21 -9.58 4.60 36.02
C HIS C 21 -8.66 5.84 35.95
N LYS C 22 -7.61 5.94 36.80
CA LYS C 22 -6.62 7.06 36.73
C LYS C 22 -5.78 7.01 35.44
N THR C 23 -5.85 5.88 34.74
CA THR C 23 -5.28 5.65 33.41
C THR C 23 -6.20 6.06 32.21
N ASP C 24 -7.46 6.41 32.49
CA ASP C 24 -8.41 6.76 31.45
C ASP C 24 -8.26 8.21 30.93
N ALA C 25 -8.33 8.34 29.61
CA ALA C 25 -8.13 9.62 28.88
C ALA C 25 -9.20 10.69 29.22
N GLY C 26 -10.39 10.22 29.59
CA GLY C 26 -11.57 11.06 29.60
C GLY C 26 -12.45 10.98 30.86
N TYR C 27 -13.36 11.95 30.96
CA TYR C 27 -14.30 12.06 32.05
C TYR C 27 -15.62 11.65 31.43
N ASP C 28 -16.23 10.63 32.03
CA ASP C 28 -17.59 10.26 31.72
C ASP C 28 -18.56 11.39 32.12
N ILE C 29 -19.50 11.60 31.20
CA ILE C 29 -20.48 12.72 31.19
C ILE C 29 -21.83 12.04 31.18
N PHE C 30 -22.73 12.55 32.03
CA PHE C 30 -24.04 11.96 32.31
C PHE C 30 -25.14 12.84 31.70
N SER C 31 -26.17 12.22 31.12
CA SER C 31 -27.42 12.91 30.76
C SER C 31 -28.11 13.63 31.98
N ALA C 32 -28.53 14.90 31.81
CA ALA C 32 -29.32 15.59 32.83
C ALA C 32 -30.82 15.45 32.47
N GLU C 33 -31.16 14.78 31.34
CA GLU C 33 -32.52 14.67 30.89
C GLU C 33 -32.98 13.27 30.46
N THR C 34 -34.27 13.02 30.68
CA THR C 34 -34.93 11.84 30.16
C THR C 34 -35.57 12.22 28.81
N VAL C 35 -35.11 11.63 27.72
CA VAL C 35 -35.63 11.91 26.39
C VAL C 35 -35.83 10.59 25.63
N VAL C 36 -36.92 10.49 24.89
CA VAL C 36 -37.15 9.41 23.97
C VAL C 36 -36.62 9.88 22.60
N LEU C 37 -35.89 9.01 21.93
CA LEU C 37 -35.36 9.31 20.60
C LEU C 37 -35.67 8.16 19.68
N GLU C 38 -36.49 8.43 18.66
CA GLU C 38 -37.01 7.45 17.76
C GLU C 38 -36.12 7.40 16.52
N PRO C 39 -36.27 6.35 15.72
CA PRO C 39 -35.36 6.26 14.57
C PRO C 39 -35.30 7.48 13.68
N GLN C 40 -34.07 7.89 13.34
CA GLN C 40 -33.77 9.02 12.48
C GLN C 40 -33.86 10.39 13.17
N GLU C 41 -34.34 10.42 14.42
CA GLU C 41 -34.43 11.68 15.19
C GLU C 41 -33.04 12.13 15.75
N LYS C 42 -32.97 13.44 15.98
CA LYS C 42 -31.81 14.17 16.37
C LYS C 42 -32.21 15.00 17.58
N ALA C 43 -31.27 15.17 18.50
CA ALA C 43 -31.46 16.04 19.66
C ALA C 43 -30.08 16.46 20.21
N VAL C 44 -30.11 17.53 21.03
CA VAL C 44 -29.02 17.94 21.88
C VAL C 44 -29.44 17.60 23.33
N ILE C 45 -28.80 16.60 23.94
CA ILE C 45 -29.13 16.16 25.26
C ILE C 45 -28.35 17.08 26.24
N LYS C 46 -29.07 17.85 27.07
CA LYS C 46 -28.41 18.62 28.13
C LYS C 46 -27.73 17.71 29.21
N THR C 47 -26.57 18.16 29.64
CA THR C 47 -25.85 17.60 30.78
C THR C 47 -26.03 18.39 32.09
N ASP C 48 -26.46 19.65 31.97
CA ASP C 48 -26.45 20.61 33.06
C ASP C 48 -25.08 20.72 33.75
N VAL C 49 -24.02 20.51 32.97
CA VAL C 49 -22.64 20.74 33.41
C VAL C 49 -22.00 21.85 32.53
N ALA C 50 -21.37 22.82 33.18
CA ALA C 50 -20.45 23.80 32.58
C ALA C 50 -19.03 23.49 33.09
N VAL C 51 -18.02 23.62 32.20
CA VAL C 51 -16.60 23.47 32.56
C VAL C 51 -15.87 24.75 32.18
N SER C 52 -14.70 24.95 32.80
CA SER C 52 -13.82 26.05 32.36
C SER C 52 -12.48 25.54 31.79
N ILE C 53 -12.50 25.14 30.54
CA ILE C 53 -11.31 24.66 29.91
C ILE C 53 -10.38 25.87 29.73
N PRO C 54 -9.13 25.79 30.27
CA PRO C 54 -8.20 26.94 30.05
C PRO C 54 -7.69 27.14 28.60
N GLU C 55 -7.14 28.34 28.39
CA GLU C 55 -6.54 28.69 27.12
C GLU C 55 -5.44 27.66 26.83
N GLY C 56 -5.34 27.33 25.55
CA GLY C 56 -4.35 26.36 25.08
C GLY C 56 -4.83 24.91 24.97
N TYR C 57 -6.13 24.70 25.24
CA TYR C 57 -6.75 23.37 25.21
C TYR C 57 -8.11 23.38 24.53
N VAL C 58 -8.56 22.19 24.18
CA VAL C 58 -9.90 21.99 23.67
C VAL C 58 -10.43 20.72 24.34
N GLY C 59 -11.71 20.71 24.63
CA GLY C 59 -12.36 19.47 25.11
C GLY C 59 -13.03 18.83 23.92
N LEU C 60 -13.01 17.49 23.92
CA LEU C 60 -13.64 16.72 22.92
C LEU C 60 -14.71 15.91 23.64
N LEU C 61 -15.95 16.32 23.38
CA LEU C 61 -17.15 15.70 23.95
C LEU C 61 -17.58 14.63 22.94
N THR C 62 -17.38 13.36 23.32
CA THR C 62 -17.29 12.32 22.33
C THR C 62 -17.94 11.03 22.83
N SER C 63 -18.22 10.14 21.89
CA SER C 63 -18.85 8.84 22.22
C SER C 63 -18.00 7.94 23.19
N ARG C 64 -18.72 7.06 23.87
CA ARG C 64 -18.15 5.86 24.53
C ARG C 64 -18.34 4.67 23.65
N SER C 65 -17.39 3.74 23.65
CA SER C 65 -17.41 2.65 22.59
C SER C 65 -18.55 1.65 22.81
N GLY C 66 -18.96 1.47 24.07
CA GLY C 66 -20.08 0.57 24.42
C GLY C 66 -21.32 1.09 23.76
N VAL C 67 -21.72 2.30 24.14
CA VAL C 67 -22.92 2.90 23.62
C VAL C 67 -22.91 2.89 22.09
N SER C 68 -21.83 3.40 21.55
CA SER C 68 -21.64 3.58 20.14
C SER C 68 -21.75 2.28 19.31
N SER C 69 -20.99 1.27 19.73
CA SER C 69 -20.96 -0.04 19.02
C SER C 69 -22.23 -0.89 19.25
N LYS C 70 -22.85 -0.73 20.41
CA LYS C 70 -24.02 -1.61 20.77
C LYS C 70 -25.39 -0.99 20.46
N THR C 71 -25.44 0.32 20.20
CA THR C 71 -26.69 1.03 19.88
C THR C 71 -26.53 1.84 18.56
N HIS C 72 -27.66 2.37 18.05
CA HIS C 72 -27.72 3.31 16.93
C HIS C 72 -27.62 4.74 17.26
N LEU C 73 -27.31 5.02 18.51
CA LEU C 73 -27.07 6.35 18.98
C LEU C 73 -25.70 6.82 18.55
N VAL C 74 -25.75 7.85 17.69
CA VAL C 74 -24.53 8.39 17.06
C VAL C 74 -24.35 9.76 17.65
N ILE C 75 -23.21 9.96 18.31
CA ILE C 75 -22.87 11.25 18.92
C ILE C 75 -21.79 11.90 18.12
N GLU C 76 -22.06 13.14 17.68
CA GLU C 76 -21.09 13.91 16.90
C GLU C 76 -20.18 14.64 17.90
N THR C 77 -18.88 14.37 17.76
CA THR C 77 -17.89 14.95 18.70
C THR C 77 -17.90 16.43 18.70
N GLY C 78 -18.06 16.95 19.91
CA GLY C 78 -18.18 18.37 20.14
C GLY C 78 -16.83 18.92 20.48
N LYS C 79 -16.54 20.08 19.90
CA LYS C 79 -15.30 20.79 20.17
C LYS C 79 -15.60 21.91 21.16
N ILE C 80 -15.17 21.69 22.41
CA ILE C 80 -15.48 22.53 23.54
C ILE C 80 -14.31 23.49 23.73
N ASP C 81 -14.57 24.75 23.39
CA ASP C 81 -13.60 25.82 23.42
C ASP C 81 -13.24 26.26 24.83
N ALA C 82 -11.98 26.67 24.98
CA ALA C 82 -11.56 27.36 26.21
C ALA C 82 -12.50 28.51 26.53
N GLY C 83 -12.83 28.66 27.82
CA GLY C 83 -13.75 29.71 28.27
C GLY C 83 -15.25 29.61 27.96
N TYR C 84 -15.69 28.55 27.28
CA TYR C 84 -17.12 28.37 27.07
C TYR C 84 -17.66 27.85 28.42
N HIS C 85 -18.58 28.61 29.01
CA HIS C 85 -19.19 28.31 30.29
C HIS C 85 -20.65 27.98 30.18
N GLY C 86 -21.06 27.52 29.01
CA GLY C 86 -22.46 27.09 28.79
C GLY C 86 -22.65 25.65 29.20
N ASN C 87 -23.91 25.24 29.15
CA ASN C 87 -24.36 23.88 29.38
C ASN C 87 -23.72 22.99 28.28
N LEU C 88 -22.91 22.01 28.65
CA LEU C 88 -22.41 21.07 27.62
C LEU C 88 -23.57 20.26 26.96
N GLY C 89 -23.67 20.32 25.61
CA GLY C 89 -24.77 19.59 24.92
C GLY C 89 -24.25 18.42 24.13
N ILE C 90 -24.82 17.22 24.39
CA ILE C 90 -24.54 15.98 23.65
C ILE C 90 -25.37 15.97 22.36
N ASN C 91 -24.69 16.17 21.25
CA ASN C 91 -25.27 16.23 19.90
C ASN C 91 -25.44 14.80 19.33
N ILE C 92 -26.68 14.31 19.27
CA ILE C 92 -26.99 12.86 19.13
C ILE C 92 -28.00 12.63 18.03
N LYS C 93 -27.83 11.52 17.29
CA LYS C 93 -28.85 11.06 16.35
C LYS C 93 -29.10 9.57 16.61
N ASN C 94 -30.37 9.15 16.54
CA ASN C 94 -30.74 7.76 16.44
C ASN C 94 -30.74 7.43 14.96
N ASP C 95 -29.69 6.73 14.52
CA ASP C 95 -29.50 6.46 13.07
C ASP C 95 -30.01 5.08 12.60
N ALA C 96 -30.82 4.44 13.43
CA ALA C 96 -31.65 3.28 13.01
C ALA C 96 -32.58 3.78 11.92
N ILE C 97 -32.87 2.91 10.96
CA ILE C 97 -33.91 3.15 9.90
C ILE C 97 -35.33 3.00 10.53
N ALA C 98 -36.29 3.85 10.12
CA ALA C 98 -37.64 3.81 10.73
C ALA C 98 -38.33 2.43 10.53
N SER C 99 -38.89 1.89 11.62
CA SER C 99 -39.67 0.63 11.63
C SER C 99 -41.07 0.75 10.99
N ASN C 100 -41.39 1.92 10.39
CA ASN C 100 -42.58 2.10 9.51
C ASN C 100 -43.95 1.80 10.17
N GLY C 101 -43.99 1.87 11.50
CA GLY C 101 -45.20 1.56 12.27
C GLY C 101 -45.26 0.25 13.07
N TYR C 102 -44.20 -0.61 13.06
CA TYR C 102 -44.04 -1.71 14.07
C TYR C 102 -43.79 -1.08 15.49
N ILE C 103 -44.71 -1.35 16.41
CA ILE C 103 -44.63 -0.82 17.77
C ILE C 103 -44.48 -2.02 18.74
N THR C 104 -43.81 -1.79 19.89
CA THR C 104 -43.60 -2.78 20.90
C THR C 104 -43.68 -2.08 22.24
N PRO C 105 -44.05 -2.85 23.27
CA PRO C 105 -44.09 -2.30 24.63
C PRO C 105 -42.71 -1.97 25.31
N GLY C 106 -41.60 -2.48 24.83
CA GLY C 106 -40.33 -2.04 25.41
C GLY C 106 -39.70 -0.93 24.59
N VAL C 107 -38.74 -0.22 25.18
CA VAL C 107 -37.77 0.66 24.50
C VAL C 107 -36.32 0.21 24.84
N PHE C 108 -35.40 0.53 23.94
CA PHE C 108 -33.99 0.33 24.15
C PHE C 108 -33.36 1.40 25.02
N ASP C 109 -32.38 0.96 25.80
CA ASP C 109 -31.57 1.81 26.58
C ASP C 109 -30.21 1.88 25.92
N ILE C 110 -29.38 2.71 26.52
CA ILE C 110 -28.06 3.01 25.97
C ILE C 110 -27.10 1.83 26.12
N LYS C 111 -27.51 0.75 26.78
CA LYS C 111 -26.72 -0.48 26.97
C LYS C 111 -27.15 -1.53 25.92
N GLY C 112 -28.14 -1.21 25.09
CA GLY C 112 -28.62 -2.16 24.08
C GLY C 112 -29.69 -3.09 24.65
N GLU C 113 -30.13 -2.83 25.88
CA GLU C 113 -31.07 -3.71 26.54
C GLU C 113 -32.47 -3.11 26.37
N ILE C 114 -33.49 -3.94 26.65
CA ILE C 114 -34.91 -3.56 26.56
C ILE C 114 -35.48 -3.27 27.96
N ASP C 115 -36.15 -2.12 28.08
CA ASP C 115 -36.79 -1.66 29.32
C ASP C 115 -38.31 -1.51 29.04
N LEU C 116 -39.17 -1.80 30.02
CA LEU C 116 -40.58 -1.38 30.01
C LEU C 116 -40.61 0.15 29.77
N SER C 117 -41.53 0.61 28.93
CA SER C 117 -41.75 2.07 28.79
C SER C 117 -43.22 2.49 29.07
N ASP C 118 -43.43 3.80 29.08
CA ASP C 118 -44.72 4.47 29.36
C ASP C 118 -45.71 4.53 28.13
N ALA C 119 -45.22 4.22 26.93
CA ALA C 119 -46.02 4.15 25.70
C ALA C 119 -45.61 2.83 25.02
N ILE C 120 -46.44 2.34 24.11
CA ILE C 120 -46.05 1.26 23.17
C ILE C 120 -45.46 1.99 21.95
N ARG C 121 -44.13 1.97 21.82
CA ARG C 121 -43.45 2.81 20.87
C ARG C 121 -42.86 2.07 19.67
N GLN C 122 -42.59 2.82 18.60
CA GLN C 122 -41.91 2.28 17.43
C GLN C 122 -40.59 1.57 17.74
N TYR C 123 -40.46 0.37 17.22
CA TYR C 123 -39.27 -0.45 17.37
C TYR C 123 -38.04 0.29 16.82
N GLY C 124 -36.97 0.26 17.61
CA GLY C 124 -35.71 0.98 17.33
C GLY C 124 -35.57 2.27 18.13
N THR C 125 -36.60 2.61 18.91
CA THR C 125 -36.63 3.82 19.73
C THR C 125 -35.80 3.52 20.98
N TYR C 126 -35.07 4.55 21.41
CA TYR C 126 -34.24 4.54 22.65
C TYR C 126 -34.89 5.46 23.65
N GLN C 127 -34.81 5.06 24.89
CA GLN C 127 -35.08 6.01 25.92
C GLN C 127 -33.78 6.35 26.61
N ILE C 128 -33.41 7.61 26.55
CA ILE C 128 -32.21 8.08 27.27
C ILE C 128 -32.73 8.61 28.60
N ASN C 129 -32.18 8.13 29.70
CA ASN C 129 -32.64 8.51 31.05
C ASN C 129 -31.72 9.49 31.77
N GLU C 130 -32.29 10.36 32.62
CA GLU C 130 -31.45 11.22 33.51
C GLU C 130 -30.49 10.28 34.24
N GLY C 131 -29.20 10.64 34.28
CA GLY C 131 -28.21 9.90 35.06
C GLY C 131 -27.45 8.89 34.17
N ASP C 132 -27.85 8.71 32.88
CA ASP C 132 -27.17 7.73 31.97
C ASP C 132 -25.81 8.25 31.61
N LYS C 133 -24.83 7.35 31.57
CA LYS C 133 -23.48 7.69 31.22
C LYS C 133 -23.32 7.55 29.68
N LEU C 134 -23.62 8.65 29.03
CA LEU C 134 -23.85 8.73 27.59
C LEU C 134 -22.61 9.13 26.74
N ALA C 135 -21.71 9.92 27.33
CA ALA C 135 -20.52 10.45 26.58
C ALA C 135 -19.32 10.54 27.52
N GLN C 136 -18.22 10.95 26.91
CA GLN C 136 -17.04 11.31 27.66
C GLN C 136 -16.39 12.59 27.09
N LEU C 137 -15.60 13.21 27.94
CA LEU C 137 -14.87 14.40 27.62
C LEU C 137 -13.37 14.14 27.75
N VAL C 138 -12.65 14.35 26.65
CA VAL C 138 -11.19 14.18 26.60
C VAL C 138 -10.63 15.55 26.26
N ILE C 139 -9.69 16.04 27.08
CA ILE C 139 -9.14 17.37 26.89
C ILE C 139 -7.71 17.27 26.35
N VAL C 140 -7.44 17.95 25.24
CA VAL C 140 -6.15 17.88 24.55
C VAL C 140 -5.59 19.28 24.32
N PRO C 141 -4.25 19.42 24.35
CA PRO C 141 -3.65 20.73 24.05
C PRO C 141 -3.90 21.12 22.60
N ILE C 142 -3.95 22.41 22.30
CA ILE C 142 -4.13 22.87 20.92
C ILE C 142 -3.00 23.81 20.48
N TRP C 143 -2.72 23.86 19.17
CA TRP C 143 -1.84 24.91 18.63
C TRP C 143 -2.71 25.97 17.99
N THR C 144 -2.57 27.23 18.42
CA THR C 144 -3.41 28.33 17.84
C THR C 144 -2.58 29.54 17.26
N PRO C 145 -1.77 29.25 16.21
CA PRO C 145 -0.86 30.26 15.63
C PRO C 145 -1.61 31.28 14.82
N GLU C 146 -1.02 32.46 14.65
CA GLU C 146 -1.50 33.46 13.68
C GLU C 146 -1.35 32.83 12.28
N LEU C 147 -2.33 33.01 11.40
CA LEU C 147 -2.21 32.49 10.01
C LEU C 147 -1.41 33.49 9.18
N LYS C 148 -0.49 32.99 8.36
CA LYS C 148 0.20 33.82 7.37
C LYS C 148 -0.18 33.37 5.95
N GLN C 149 -0.95 34.18 5.23
CA GLN C 149 -1.18 33.89 3.80
C GLN C 149 0.13 34.02 2.99
N VAL C 150 0.46 32.97 2.23
CA VAL C 150 1.64 32.95 1.36
C VAL C 150 1.20 32.59 -0.08
N GLU C 151 1.98 33.05 -1.05
CA GLU C 151 1.83 32.65 -2.46
C GLU C 151 2.42 31.24 -2.72
N GLU C 152 3.50 30.91 -2.02
CA GLU C 152 4.22 29.64 -2.15
C GLU C 152 4.73 29.29 -0.74
N PHE C 153 4.57 28.02 -0.31
CA PHE C 153 5.11 27.53 1.00
C PHE C 153 6.64 27.48 1.01
N GLU C 154 7.28 27.84 2.13
CA GLU C 154 8.78 27.89 2.18
C GLU C 154 9.44 26.56 2.59
N PHE C 164 -6.28 12.77 -0.13
CA PHE C 164 -6.87 11.42 -0.11
C PHE C 164 -6.00 10.46 -0.94
N ASN D 3 15.38 -33.24 2.64
CA ASN D 3 14.04 -32.99 3.27
C ASN D 3 12.94 -33.44 2.28
N THR D 4 11.68 -33.08 2.52
CA THR D 4 10.61 -33.29 1.52
C THR D 4 10.01 -31.93 1.07
N LEU D 5 9.83 -31.75 -0.24
CA LEU D 5 8.98 -30.65 -0.78
C LEU D 5 7.80 -31.34 -1.49
N GLN D 6 6.58 -30.95 -1.17
CA GLN D 6 5.42 -31.56 -1.82
C GLN D 6 5.25 -31.02 -3.26
N VAL D 7 4.63 -31.85 -4.09
CA VAL D 7 4.31 -31.53 -5.49
C VAL D 7 2.93 -32.11 -5.84
N ARG D 8 2.12 -31.31 -6.52
CA ARG D 8 0.85 -31.75 -7.10
C ARG D 8 0.89 -31.63 -8.63
N LEU D 9 0.67 -32.74 -9.33
CA LEU D 9 0.43 -32.69 -10.77
C LEU D 9 -1.04 -32.29 -10.95
N LEU D 10 -1.29 -31.09 -11.48
CA LEU D 10 -2.65 -30.59 -11.68
C LEU D 10 -3.38 -31.18 -12.92
N SER D 11 -2.72 -32.05 -13.71
CA SER D 11 -3.36 -32.66 -14.91
C SER D 11 -2.60 -33.86 -15.51
N GLU D 12 -3.29 -34.55 -16.44
CA GLU D 12 -2.68 -35.57 -17.29
C GLU D 12 -1.52 -35.03 -18.17
N ASN D 13 -1.39 -33.70 -18.28
CA ASN D 13 -0.32 -33.00 -19.04
C ASN D 13 0.85 -32.47 -18.19
N ALA D 14 0.69 -32.44 -16.87
CA ALA D 14 1.79 -32.09 -15.99
C ALA D 14 2.77 -33.24 -15.91
N ARG D 15 4.03 -32.90 -15.65
CA ARG D 15 5.10 -33.86 -15.42
C ARG D 15 5.89 -33.41 -14.16
N MET D 16 6.19 -34.35 -13.27
CA MET D 16 7.03 -34.07 -12.09
C MET D 16 8.32 -33.33 -12.48
N PRO D 17 8.75 -32.38 -11.65
CA PRO D 17 10.09 -31.79 -11.73
C PRO D 17 11.23 -32.80 -11.55
N GLU D 18 12.48 -32.39 -11.81
CA GLU D 18 13.58 -33.34 -12.10
C GLU D 18 15.00 -32.74 -12.01
N ARG D 19 15.97 -33.51 -11.49
CA ARG D 19 17.37 -33.05 -11.36
C ARG D 19 18.43 -33.86 -12.18
N ASN D 20 19.23 -33.14 -12.99
CA ASN D 20 20.25 -33.76 -13.89
C ASN D 20 21.48 -34.39 -13.19
N HIS D 21 21.60 -34.13 -11.89
CA HIS D 21 22.65 -34.72 -11.08
C HIS D 21 22.29 -34.57 -9.63
N LYS D 22 23.13 -35.09 -8.73
CA LYS D 22 22.94 -34.94 -7.28
C LYS D 22 23.08 -33.47 -6.85
N THR D 23 24.19 -32.82 -7.22
CA THR D 23 24.49 -31.45 -6.75
C THR D 23 24.13 -30.37 -7.83
N ASP D 24 22.99 -30.56 -8.51
CA ASP D 24 22.35 -29.52 -9.35
C ASP D 24 21.49 -28.60 -8.48
N ALA D 25 21.66 -27.28 -8.70
CA ALA D 25 20.99 -26.20 -7.93
C ALA D 25 19.47 -26.30 -7.86
N GLY D 26 18.85 -26.82 -8.92
CA GLY D 26 17.39 -26.78 -9.04
C GLY D 26 16.74 -27.83 -9.91
N TYR D 27 15.43 -27.71 -10.03
CA TYR D 27 14.57 -28.72 -10.63
C TYR D 27 14.06 -28.24 -11.96
N ASP D 28 14.42 -28.98 -13.00
CA ASP D 28 13.93 -28.73 -14.36
C ASP D 28 12.38 -28.90 -14.47
N ILE D 29 11.71 -27.83 -14.91
CA ILE D 29 10.25 -27.72 -15.03
C ILE D 29 9.81 -27.85 -16.49
N PHE D 30 8.67 -28.52 -16.72
CA PHE D 30 8.15 -28.82 -18.08
C PHE D 30 6.87 -28.08 -18.46
N SER D 31 6.82 -27.56 -19.68
CA SER D 31 5.55 -27.05 -20.26
C SER D 31 4.44 -28.14 -20.21
N ALA D 32 3.25 -27.76 -19.76
CA ALA D 32 2.03 -28.57 -19.91
C ALA D 32 1.11 -28.04 -21.03
N GLU D 33 1.61 -27.14 -21.90
CA GLU D 33 0.86 -26.68 -23.09
C GLU D 33 1.73 -26.52 -24.36
N THR D 34 1.08 -26.74 -25.51
CA THR D 34 1.69 -26.45 -26.81
C THR D 34 1.23 -25.03 -27.20
N VAL D 35 2.20 -24.13 -27.41
CA VAL D 35 1.96 -22.70 -27.74
C VAL D 35 2.90 -22.18 -28.84
N VAL D 36 2.31 -21.65 -29.92
CA VAL D 36 3.02 -20.85 -30.94
C VAL D 36 3.23 -19.45 -30.36
N LEU D 37 4.49 -19.03 -30.28
CA LEU D 37 4.83 -17.71 -29.77
C LEU D 37 5.74 -17.00 -30.76
N GLU D 38 5.19 -16.00 -31.44
CA GLU D 38 5.83 -15.31 -32.57
C GLU D 38 6.56 -14.11 -32.07
N PRO D 39 7.39 -13.48 -32.94
CA PRO D 39 8.18 -12.35 -32.43
C PRO D 39 7.37 -11.30 -31.67
N GLN D 40 7.97 -10.87 -30.56
CA GLN D 40 7.44 -9.86 -29.61
C GLN D 40 6.22 -10.29 -28.75
N GLU D 41 5.67 -11.45 -29.02
CA GLU D 41 4.55 -11.97 -28.23
C GLU D 41 4.95 -12.39 -26.80
N LYS D 42 4.01 -12.18 -25.86
CA LYS D 42 4.16 -12.60 -24.44
C LYS D 42 3.12 -13.67 -24.09
N ALA D 43 3.48 -14.56 -23.18
CA ALA D 43 2.54 -15.58 -22.66
C ALA D 43 2.93 -16.02 -21.22
N VAL D 44 1.97 -16.57 -20.49
CA VAL D 44 2.26 -17.33 -19.27
C VAL D 44 1.96 -18.76 -19.66
N ILE D 45 3.03 -19.54 -19.77
CA ILE D 45 2.99 -20.94 -20.14
C ILE D 45 2.65 -21.79 -18.86
N LYS D 46 1.44 -22.40 -18.82
CA LYS D 46 1.01 -23.37 -17.76
C LYS D 46 1.97 -24.58 -17.62
N THR D 47 2.47 -24.82 -16.41
CA THR D 47 3.14 -26.13 -16.08
C THR D 47 2.16 -27.27 -15.64
N ASP D 48 1.00 -26.88 -15.10
CA ASP D 48 0.07 -27.76 -14.37
C ASP D 48 0.80 -28.51 -13.24
N VAL D 49 1.78 -27.82 -12.64
CA VAL D 49 2.48 -28.29 -11.46
C VAL D 49 2.23 -27.24 -10.39
N ALA D 50 1.83 -27.73 -9.22
CA ALA D 50 1.70 -26.91 -8.02
C ALA D 50 2.66 -27.50 -6.99
N VAL D 51 3.47 -26.63 -6.38
CA VAL D 51 4.39 -27.01 -5.28
C VAL D 51 3.98 -26.30 -3.98
N SER D 52 4.52 -26.81 -2.87
CA SER D 52 4.27 -26.22 -1.54
C SER D 52 5.62 -25.95 -0.88
N ILE D 53 6.08 -24.72 -1.08
CA ILE D 53 7.38 -24.29 -0.60
C ILE D 53 7.17 -23.89 0.86
N PRO D 54 7.97 -24.46 1.79
CA PRO D 54 7.77 -24.17 3.22
C PRO D 54 8.08 -22.72 3.57
N GLU D 55 7.58 -22.23 4.71
CA GLU D 55 7.94 -20.89 5.22
C GLU D 55 9.47 -20.81 5.38
N GLY D 56 10.02 -19.62 5.16
CA GLY D 56 11.47 -19.39 5.21
C GLY D 56 12.27 -19.61 3.92
N TYR D 57 11.57 -19.98 2.83
CA TYR D 57 12.15 -20.17 1.48
C TYR D 57 11.37 -19.49 0.33
N VAL D 58 12.09 -19.17 -0.76
CA VAL D 58 11.49 -18.66 -2.00
C VAL D 58 11.89 -19.53 -3.19
N GLY D 59 10.91 -19.93 -4.00
CA GLY D 59 11.18 -20.59 -5.27
C GLY D 59 11.55 -19.53 -6.32
N LEU D 60 12.59 -19.81 -7.10
CA LEU D 60 12.96 -19.01 -8.28
C LEU D 60 12.67 -19.83 -9.55
N LEU D 61 11.53 -19.51 -10.20
CA LEU D 61 11.21 -20.10 -11.50
C LEU D 61 12.01 -19.28 -12.53
N THR D 62 13.07 -19.89 -13.05
CA THR D 62 14.16 -19.19 -13.76
C THR D 62 14.57 -19.91 -15.07
N SER D 63 15.38 -19.23 -15.89
CA SER D 63 15.77 -19.74 -17.21
C SER D 63 16.81 -20.88 -17.10
N ARG D 64 16.81 -21.72 -18.13
CA ARG D 64 17.93 -22.58 -18.46
C ARG D 64 18.90 -21.86 -19.40
N SER D 65 20.19 -22.07 -19.20
CA SER D 65 21.23 -21.39 -20.00
C SER D 65 21.14 -21.75 -21.48
N GLY D 66 20.79 -23.00 -21.81
CA GLY D 66 20.68 -23.45 -23.21
C GLY D 66 19.58 -22.74 -24.01
N VAL D 67 18.35 -22.75 -23.46
CA VAL D 67 17.20 -22.10 -24.13
C VAL D 67 17.46 -20.58 -24.25
N SER D 68 17.73 -19.94 -23.11
CA SER D 68 18.12 -18.54 -23.01
C SER D 68 19.23 -18.09 -24.01
N SER D 69 20.36 -18.80 -24.02
CA SER D 69 21.51 -18.47 -24.88
C SER D 69 21.28 -18.72 -26.39
N LYS D 70 20.51 -19.75 -26.72
CA LYS D 70 20.33 -20.27 -28.07
C LYS D 70 19.04 -19.79 -28.74
N THR D 71 18.08 -19.28 -27.96
CA THR D 71 16.83 -18.84 -28.51
C THR D 71 16.52 -17.39 -28.05
N HIS D 72 15.47 -16.83 -28.66
CA HIS D 72 14.94 -15.51 -28.30
C HIS D 72 13.90 -15.57 -27.18
N LEU D 73 13.77 -16.74 -26.55
CA LEU D 73 12.80 -16.94 -25.47
C LEU D 73 13.36 -16.42 -24.14
N VAL D 74 12.73 -15.36 -23.64
CA VAL D 74 13.18 -14.65 -22.43
C VAL D 74 12.17 -14.92 -21.31
N ILE D 75 12.61 -15.64 -20.30
CA ILE D 75 11.77 -16.01 -19.15
C ILE D 75 12.10 -15.02 -18.06
N GLU D 76 11.07 -14.32 -17.55
CA GLU D 76 11.23 -13.45 -16.38
C GLU D 76 11.20 -14.29 -15.08
N THR D 77 12.26 -14.17 -14.28
CA THR D 77 12.42 -15.02 -13.11
C THR D 77 11.25 -14.72 -12.13
N GLY D 78 10.48 -15.77 -11.83
CA GLY D 78 9.32 -15.73 -10.93
C GLY D 78 9.62 -16.11 -9.48
N LYS D 79 9.18 -15.26 -8.54
CA LYS D 79 9.43 -15.43 -7.11
C LYS D 79 8.26 -16.14 -6.56
N ILE D 80 8.44 -17.44 -6.31
CA ILE D 80 7.39 -18.36 -5.94
C ILE D 80 7.37 -18.47 -4.39
N ASP D 81 6.28 -17.97 -3.82
CA ASP D 81 6.16 -17.67 -2.39
C ASP D 81 5.85 -18.90 -1.59
N ALA D 82 6.25 -18.84 -0.32
CA ALA D 82 5.87 -19.85 0.68
C ALA D 82 4.35 -19.91 0.73
N GLY D 83 3.80 -21.13 0.63
CA GLY D 83 2.36 -21.34 0.71
C GLY D 83 1.56 -21.00 -0.54
N TYR D 84 2.22 -20.55 -1.62
CA TYR D 84 1.54 -20.42 -2.93
C TYR D 84 1.39 -21.83 -3.50
N HIS D 85 0.13 -22.28 -3.60
CA HIS D 85 -0.19 -23.68 -3.90
C HIS D 85 -0.69 -23.84 -5.32
N GLY D 86 -0.72 -22.74 -6.07
CA GLY D 86 -1.28 -22.73 -7.42
C GLY D 86 -0.41 -23.32 -8.52
N ASN D 87 -1.00 -23.29 -9.72
CA ASN D 87 -0.35 -23.63 -11.00
C ASN D 87 0.86 -22.71 -11.23
N LEU D 88 2.04 -23.31 -11.41
CA LEU D 88 3.25 -22.54 -11.68
C LEU D 88 3.25 -22.07 -13.17
N GLY D 89 3.23 -20.75 -13.38
CA GLY D 89 3.19 -20.13 -14.73
C GLY D 89 4.57 -19.64 -15.15
N ILE D 90 5.09 -20.11 -16.29
CA ILE D 90 6.37 -19.57 -16.82
C ILE D 90 6.11 -18.24 -17.62
N ASN D 91 6.61 -17.14 -17.10
CA ASN D 91 6.35 -15.81 -17.67
C ASN D 91 7.38 -15.49 -18.82
N ILE D 92 6.93 -15.67 -20.07
CA ILE D 92 7.83 -15.76 -21.26
C ILE D 92 7.48 -14.73 -22.38
N LYS D 93 8.51 -14.21 -23.03
CA LYS D 93 8.39 -13.34 -24.22
C LYS D 93 9.31 -13.85 -25.33
N ASN D 94 8.82 -13.81 -26.57
CA ASN D 94 9.72 -14.00 -27.72
C ASN D 94 10.20 -12.59 -28.04
N ASP D 95 11.46 -12.29 -27.71
CA ASP D 95 12.03 -10.95 -27.87
C ASP D 95 12.78 -10.81 -29.19
N ALA D 96 12.57 -11.75 -30.12
CA ALA D 96 12.96 -11.53 -31.52
C ALA D 96 12.25 -10.30 -32.10
N ILE D 97 12.91 -9.58 -33.00
CA ILE D 97 12.26 -8.49 -33.76
C ILE D 97 11.40 -9.14 -34.85
N ALA D 98 10.27 -8.49 -35.20
CA ALA D 98 9.30 -8.97 -36.21
C ALA D 98 9.84 -9.14 -37.66
N SER D 99 9.36 -10.22 -38.29
CA SER D 99 9.77 -10.65 -39.65
C SER D 99 9.26 -9.69 -40.74
N ASN D 100 8.28 -8.85 -40.37
CA ASN D 100 7.68 -7.86 -41.28
C ASN D 100 6.85 -8.55 -42.39
N GLY D 101 6.48 -9.81 -42.15
CA GLY D 101 5.76 -10.64 -43.12
C GLY D 101 6.53 -11.76 -43.82
N TYR D 102 7.86 -11.88 -43.64
CA TYR D 102 8.65 -13.03 -44.24
C TYR D 102 8.19 -14.30 -43.54
N ILE D 103 7.74 -15.28 -44.32
CA ILE D 103 7.27 -16.58 -43.78
C ILE D 103 8.06 -17.80 -44.34
N THR D 104 8.04 -18.90 -43.57
CA THR D 104 8.82 -20.12 -43.83
C THR D 104 8.04 -21.30 -43.19
N PRO D 105 8.00 -22.47 -43.86
CA PRO D 105 7.31 -23.68 -43.38
C PRO D 105 7.77 -24.21 -42.01
N GLY D 106 9.02 -23.90 -41.65
CA GLY D 106 9.59 -24.38 -40.40
C GLY D 106 9.13 -23.59 -39.18
N VAL D 107 9.53 -24.05 -38.01
CA VAL D 107 9.31 -23.28 -36.78
C VAL D 107 10.44 -23.67 -35.80
N PHE D 108 10.82 -22.73 -34.96
CA PHE D 108 11.89 -22.97 -34.02
C PHE D 108 11.38 -23.62 -32.72
N ASP D 109 12.13 -24.60 -32.25
CA ASP D 109 11.88 -25.14 -30.93
C ASP D 109 12.84 -24.51 -29.93
N ILE D 110 12.66 -24.91 -28.66
CA ILE D 110 13.41 -24.36 -27.54
C ILE D 110 14.89 -24.78 -27.50
N LYS D 111 15.29 -25.72 -28.37
CA LYS D 111 16.71 -26.06 -28.61
C LYS D 111 17.41 -25.14 -29.67
N GLY D 112 16.61 -24.31 -30.35
CA GLY D 112 17.12 -23.52 -31.47
C GLY D 112 17.16 -24.27 -32.81
N GLU D 113 16.53 -25.45 -32.85
CA GLU D 113 16.42 -26.28 -34.06
C GLU D 113 15.13 -25.91 -34.82
N ILE D 114 15.04 -26.24 -36.10
CA ILE D 114 13.86 -25.99 -36.93
C ILE D 114 12.99 -27.27 -37.04
N ASP D 115 11.66 -27.13 -36.84
CA ASP D 115 10.68 -28.26 -36.98
C ASP D 115 9.58 -27.96 -38.00
N LEU D 116 8.94 -29.01 -38.50
CA LEU D 116 7.77 -28.95 -39.39
C LEU D 116 6.60 -28.31 -38.63
N SER D 117 5.98 -27.27 -39.18
CA SER D 117 4.82 -26.63 -38.51
C SER D 117 3.51 -26.98 -39.20
N ASP D 118 2.39 -26.73 -38.54
CA ASP D 118 1.05 -26.79 -39.19
C ASP D 118 0.69 -25.59 -40.14
N ALA D 119 1.48 -24.53 -40.05
CA ALA D 119 1.30 -23.33 -40.87
C ALA D 119 2.66 -22.81 -41.33
N ILE D 120 2.64 -22.05 -42.42
CA ILE D 120 3.82 -21.35 -42.92
C ILE D 120 3.83 -20.03 -42.14
N ARG D 121 4.77 -19.93 -41.20
CA ARG D 121 4.75 -18.93 -40.15
C ARG D 121 5.89 -17.90 -40.25
N GLN D 122 5.65 -16.73 -39.66
CA GLN D 122 6.62 -15.67 -39.60
C GLN D 122 7.93 -16.18 -39.09
N TYR D 123 8.99 -15.83 -39.79
CA TYR D 123 10.32 -16.17 -39.36
C TYR D 123 10.61 -15.58 -37.95
N GLY D 124 11.21 -16.41 -37.09
CA GLY D 124 11.50 -16.06 -35.68
C GLY D 124 10.43 -16.55 -34.72
N THR D 125 9.43 -17.25 -35.27
CA THR D 125 8.36 -17.82 -34.49
C THR D 125 8.87 -19.14 -33.87
N TYR D 126 8.58 -19.29 -32.58
CA TYR D 126 8.78 -20.55 -31.82
C TYR D 126 7.48 -21.28 -31.56
N GLN D 127 7.60 -22.60 -31.51
CA GLN D 127 6.55 -23.45 -30.97
C GLN D 127 7.07 -24.22 -29.73
N ILE D 128 6.44 -23.92 -28.59
CA ILE D 128 6.73 -24.54 -27.31
C ILE D 128 5.78 -25.73 -27.27
N ASN D 129 6.34 -26.93 -27.16
CA ASN D 129 5.50 -28.13 -27.11
C ASN D 129 5.28 -28.66 -25.67
N GLU D 130 4.09 -29.19 -25.41
CA GLU D 130 3.81 -29.93 -24.17
C GLU D 130 4.89 -30.98 -24.01
N GLY D 131 5.54 -30.96 -22.84
CA GLY D 131 6.69 -31.83 -22.53
C GLY D 131 8.05 -31.20 -22.68
N ASP D 132 8.10 -29.96 -23.20
CA ASP D 132 9.38 -29.25 -23.33
C ASP D 132 9.91 -28.90 -21.93
N LYS D 133 11.21 -29.14 -21.72
CA LYS D 133 11.93 -28.77 -20.51
C LYS D 133 12.30 -27.26 -20.55
N LEU D 134 11.33 -26.40 -20.31
CA LEU D 134 11.45 -24.95 -20.56
C LEU D 134 12.12 -24.09 -19.46
N ALA D 135 11.98 -24.45 -18.18
CA ALA D 135 12.60 -23.67 -17.08
C ALA D 135 13.23 -24.55 -15.95
N GLN D 136 13.67 -23.89 -14.88
CA GLN D 136 14.05 -24.55 -13.64
C GLN D 136 13.59 -23.78 -12.37
N LEU D 137 13.20 -24.56 -11.36
CA LEU D 137 12.87 -24.10 -9.98
C LEU D 137 14.07 -24.28 -9.01
N VAL D 138 14.63 -23.17 -8.54
CA VAL D 138 15.73 -23.15 -7.57
C VAL D 138 15.23 -22.51 -6.26
N ILE D 139 15.10 -23.34 -5.20
CA ILE D 139 14.65 -22.85 -3.89
C ILE D 139 15.84 -22.36 -3.04
N VAL D 140 15.63 -21.20 -2.40
CA VAL D 140 16.69 -20.44 -1.71
C VAL D 140 16.09 -19.92 -0.40
N PRO D 141 16.85 -19.97 0.69
CA PRO D 141 16.24 -19.42 1.90
C PRO D 141 16.08 -17.92 1.79
N ILE D 142 15.13 -17.40 2.57
CA ILE D 142 14.93 -15.98 2.68
C ILE D 142 14.95 -15.56 4.13
N TRP D 143 15.24 -14.27 4.32
CA TRP D 143 15.05 -13.53 5.55
C TRP D 143 13.77 -12.69 5.48
N THR D 144 12.80 -13.02 6.34
CA THR D 144 11.54 -12.28 6.37
C THR D 144 11.37 -11.57 7.72
N PRO D 145 12.21 -10.53 7.97
CA PRO D 145 11.99 -9.71 9.15
C PRO D 145 10.76 -8.80 9.02
N GLU D 146 10.22 -8.40 10.16
CA GLU D 146 9.36 -7.22 10.17
C GLU D 146 10.25 -6.00 9.86
N LEU D 147 9.71 -5.04 9.12
CA LEU D 147 10.38 -3.74 8.90
C LEU D 147 10.29 -2.81 10.14
N LYS D 148 11.31 -1.96 10.32
CA LYS D 148 11.33 -0.93 11.36
C LYS D 148 11.63 0.42 10.68
N GLN D 149 10.57 1.20 10.45
CA GLN D 149 10.75 2.57 9.96
C GLN D 149 11.53 3.37 11.00
N VAL D 150 12.65 3.92 10.55
CA VAL D 150 13.56 4.66 11.38
C VAL D 150 13.82 6.02 10.75
N GLU D 151 14.03 7.04 11.59
CA GLU D 151 14.44 8.35 11.13
C GLU D 151 15.84 8.20 10.54
N GLU D 152 16.75 7.57 11.28
CA GLU D 152 18.16 7.36 10.85
C GLU D 152 18.58 5.92 11.07
N PHE D 153 19.66 5.52 10.39
CA PHE D 153 20.26 4.19 10.62
C PHE D 153 21.15 4.16 11.89
N GLU D 154 21.23 2.98 12.50
CA GLU D 154 22.11 2.71 13.68
C GLU D 154 23.64 2.81 13.40
N THR E 2 36.35 -24.20 3.33
CA THR E 2 36.10 -23.55 4.64
C THR E 2 35.39 -22.22 4.37
N ASN E 3 36.16 -21.13 4.41
CA ASN E 3 35.77 -19.82 3.88
C ASN E 3 36.68 -19.51 2.69
N THR E 4 36.83 -20.52 1.80
CA THR E 4 37.69 -20.43 0.61
C THR E 4 36.93 -20.91 -0.64
N LEU E 5 36.96 -20.12 -1.74
CA LEU E 5 36.42 -20.60 -3.04
C LEU E 5 37.56 -20.84 -4.02
N GLN E 6 37.59 -22.03 -4.61
CA GLN E 6 38.61 -22.36 -5.61
C GLN E 6 38.25 -21.76 -6.96
N VAL E 7 39.24 -21.08 -7.56
CA VAL E 7 39.17 -20.47 -8.89
C VAL E 7 40.36 -20.93 -9.74
N ARG E 8 40.06 -21.37 -10.95
CA ARG E 8 41.07 -21.66 -11.97
C ARG E 8 40.99 -20.60 -13.06
N LEU E 9 42.10 -19.94 -13.37
CA LEU E 9 42.19 -19.08 -14.54
C LEU E 9 42.60 -19.91 -15.77
N LEU E 10 41.77 -19.90 -16.81
CA LEU E 10 41.90 -20.81 -17.96
C LEU E 10 42.75 -20.28 -19.14
N SER E 11 43.21 -19.02 -19.08
CA SER E 11 44.15 -18.47 -20.10
C SER E 11 44.86 -17.23 -19.54
N GLU E 12 45.79 -16.69 -20.35
CA GLU E 12 46.46 -15.42 -20.07
C GLU E 12 45.51 -14.22 -20.08
N ASN E 13 44.34 -14.38 -20.69
CA ASN E 13 43.33 -13.30 -20.75
C ASN E 13 42.33 -13.30 -19.62
N ALA E 14 42.44 -14.29 -18.73
CA ALA E 14 41.58 -14.37 -17.58
C ALA E 14 42.11 -13.47 -16.48
N ARG E 15 41.20 -12.89 -15.74
CA ARG E 15 41.55 -12.09 -14.58
C ARG E 15 40.76 -12.65 -13.40
N MET E 16 41.37 -12.58 -12.22
CA MET E 16 40.77 -13.10 -10.99
C MET E 16 39.58 -12.22 -10.56
N PRO E 17 38.43 -12.86 -10.23
CA PRO E 17 37.28 -12.14 -9.69
C PRO E 17 37.56 -11.35 -8.41
N GLU E 18 36.93 -10.19 -8.29
CA GLU E 18 37.25 -9.22 -7.26
C GLU E 18 36.07 -8.65 -6.51
N ARG E 19 36.25 -8.43 -5.21
CA ARG E 19 35.22 -7.86 -4.36
C ARG E 19 35.46 -6.34 -4.17
N ASN E 20 34.40 -5.58 -4.39
CA ASN E 20 34.42 -4.11 -4.44
C ASN E 20 34.65 -3.54 -3.03
N HIS E 21 33.85 -3.98 -2.06
CA HIS E 21 34.05 -3.59 -0.65
C HIS E 21 34.07 -4.84 0.22
N LYS E 22 34.31 -4.63 1.52
CA LYS E 22 34.24 -5.72 2.51
C LYS E 22 32.93 -6.47 2.38
N THR E 23 31.81 -5.80 2.69
CA THR E 23 30.49 -6.44 2.67
C THR E 23 29.68 -6.16 1.37
N ASP E 24 30.32 -6.48 0.22
CA ASP E 24 29.66 -6.49 -1.10
C ASP E 24 29.29 -7.92 -1.53
N ALA E 25 28.02 -8.16 -1.83
CA ALA E 25 27.47 -9.48 -2.18
C ALA E 25 28.27 -10.20 -3.28
N GLY E 26 28.69 -9.44 -4.30
CA GLY E 26 29.24 -10.03 -5.50
C GLY E 26 30.74 -9.93 -5.72
N TYR E 27 31.24 -10.87 -6.53
CA TYR E 27 32.57 -10.81 -7.14
C TYR E 27 32.42 -10.36 -8.60
N ASP E 28 33.05 -9.23 -8.90
CA ASP E 28 33.07 -8.67 -10.23
C ASP E 28 33.82 -9.62 -11.12
N ILE E 29 33.21 -9.93 -12.25
CA ILE E 29 33.69 -10.86 -13.28
C ILE E 29 34.16 -10.01 -14.47
N PHE E 30 35.28 -10.41 -15.10
CA PHE E 30 35.91 -9.71 -16.22
C PHE E 30 35.77 -10.52 -17.51
N SER E 31 35.51 -9.84 -18.63
CA SER E 31 35.52 -10.44 -19.98
C SER E 31 36.91 -10.83 -20.34
N ALA E 32 37.07 -12.02 -20.91
CA ALA E 32 38.35 -12.48 -21.42
C ALA E 32 38.34 -12.37 -22.96
N GLU E 33 37.36 -11.67 -23.53
CA GLU E 33 37.31 -11.49 -24.98
C GLU E 33 36.85 -10.11 -25.44
N THR E 34 37.42 -9.72 -26.57
CA THR E 34 37.07 -8.51 -27.25
C THR E 34 36.06 -8.90 -28.30
N VAL E 35 34.84 -8.34 -28.23
CA VAL E 35 33.75 -8.71 -29.18
C VAL E 35 32.80 -7.49 -29.44
N VAL E 36 32.46 -7.33 -30.74
CA VAL E 36 31.53 -6.31 -31.20
C VAL E 36 30.14 -6.92 -31.12
N LEU E 37 29.21 -6.16 -30.55
CA LEU E 37 27.85 -6.64 -30.40
C LEU E 37 26.91 -5.54 -30.82
N GLU E 38 26.27 -5.75 -31.96
CA GLU E 38 25.44 -4.75 -32.57
C GLU E 38 23.97 -4.91 -32.14
N PRO E 39 23.12 -3.94 -32.46
CA PRO E 39 21.73 -4.02 -32.02
C PRO E 39 21.06 -5.38 -32.34
N GLN E 40 20.40 -5.92 -31.32
CA GLN E 40 19.68 -7.20 -31.34
C GLN E 40 20.55 -8.48 -31.34
N GLU E 41 21.84 -8.31 -31.22
CA GLU E 41 22.73 -9.43 -31.25
C GLU E 41 22.89 -10.06 -29.85
N LYS E 42 23.14 -11.37 -29.87
CA LYS E 42 23.28 -12.21 -28.69
C LYS E 42 24.64 -12.86 -28.75
N ALA E 43 25.22 -13.09 -27.59
CA ALA E 43 26.50 -13.82 -27.49
C ALA E 43 26.66 -14.44 -26.07
N VAL E 44 27.60 -15.37 -25.93
CA VAL E 44 28.12 -15.82 -24.63
C VAL E 44 29.56 -15.28 -24.54
N ILE E 45 29.83 -14.31 -23.67
CA ILE E 45 31.20 -13.80 -23.53
C ILE E 45 32.01 -14.74 -22.59
N LYS E 46 33.15 -15.23 -23.03
CA LYS E 46 34.04 -16.08 -22.22
C LYS E 46 34.66 -15.24 -21.09
N THR E 47 34.60 -15.76 -19.84
CA THR E 47 35.39 -15.24 -18.72
C THR E 47 36.80 -15.89 -18.63
N ASP E 48 36.92 -17.15 -19.06
CA ASP E 48 38.16 -17.94 -18.95
C ASP E 48 38.51 -18.11 -17.48
N VAL E 49 37.46 -18.20 -16.66
CA VAL E 49 37.49 -18.46 -15.23
C VAL E 49 36.58 -19.67 -15.02
N ALA E 50 37.06 -20.71 -14.33
CA ALA E 50 36.21 -21.79 -13.80
C ALA E 50 36.18 -21.59 -12.28
N VAL E 51 35.06 -21.91 -11.65
CA VAL E 51 35.03 -21.90 -10.17
C VAL E 51 34.51 -23.25 -9.67
N SER E 52 34.83 -23.57 -8.41
CA SER E 52 34.33 -24.79 -7.78
C SER E 52 33.41 -24.47 -6.60
N ILE E 53 32.18 -24.12 -6.93
CA ILE E 53 31.10 -23.88 -5.97
C ILE E 53 30.80 -25.22 -5.25
N PRO E 54 30.71 -25.23 -3.89
CA PRO E 54 30.38 -26.48 -3.16
C PRO E 54 28.89 -26.91 -3.19
N GLU E 55 28.66 -28.19 -2.88
CA GLU E 55 27.30 -28.75 -2.69
C GLU E 55 26.52 -27.89 -1.72
N GLY E 56 25.27 -27.56 -2.09
CA GLY E 56 24.34 -26.79 -1.24
C GLY E 56 24.27 -25.30 -1.53
N TYR E 57 24.76 -24.90 -2.71
CA TYR E 57 24.95 -23.50 -3.11
C TYR E 57 24.84 -23.39 -4.62
N VAL E 58 24.33 -22.23 -5.06
CA VAL E 58 24.31 -21.89 -6.49
C VAL E 58 25.00 -20.53 -6.65
N GLY E 59 25.74 -20.38 -7.73
CA GLY E 59 26.36 -19.11 -8.09
C GLY E 59 25.40 -18.41 -9.04
N LEU E 60 25.15 -17.13 -8.81
CA LEU E 60 24.34 -16.32 -9.73
C LEU E 60 25.26 -15.35 -10.53
N LEU E 61 25.50 -15.68 -11.81
CA LEU E 61 26.30 -14.81 -12.71
C LEU E 61 25.36 -13.72 -13.26
N THR E 62 25.47 -12.52 -12.73
CA THR E 62 24.41 -11.52 -12.91
C THR E 62 24.92 -10.14 -13.35
N SER E 63 23.97 -9.30 -13.77
CA SER E 63 24.26 -7.94 -14.21
C SER E 63 24.79 -7.07 -13.04
N ARG E 64 25.61 -6.09 -13.42
CA ARG E 64 25.99 -4.94 -12.59
C ARG E 64 25.04 -3.79 -12.93
N SER E 65 24.61 -3.06 -11.90
CA SER E 65 23.60 -2.02 -12.06
C SER E 65 24.00 -0.93 -13.06
N GLY E 66 25.29 -0.60 -13.05
CA GLY E 66 25.85 0.42 -13.91
C GLY E 66 25.77 0.12 -15.40
N VAL E 67 26.29 -1.04 -15.80
CA VAL E 67 26.24 -1.50 -17.20
C VAL E 67 24.80 -1.61 -17.65
N SER E 68 23.98 -2.16 -16.76
CA SER E 68 22.61 -2.54 -17.07
C SER E 68 21.71 -1.29 -17.33
N SER E 69 21.87 -0.28 -16.47
CA SER E 69 21.11 0.97 -16.49
C SER E 69 21.59 1.94 -17.59
N LYS E 70 22.89 1.94 -17.88
CA LYS E 70 23.51 2.95 -18.74
C LYS E 70 23.70 2.48 -20.16
N THR E 71 23.48 1.18 -20.40
CA THR E 71 23.61 0.58 -21.73
C THR E 71 22.42 -0.32 -22.06
N HIS E 72 22.38 -0.76 -23.33
CA HIS E 72 21.48 -1.77 -23.84
C HIS E 72 21.94 -3.19 -23.67
N LEU E 73 23.07 -3.41 -23.01
CA LEU E 73 23.56 -4.79 -22.77
C LEU E 73 22.74 -5.49 -21.66
N VAL E 74 22.03 -6.53 -22.08
CA VAL E 74 21.12 -7.26 -21.14
C VAL E 74 21.77 -8.60 -20.87
N ILE E 75 22.22 -8.81 -19.61
CA ILE E 75 22.79 -10.10 -19.19
C ILE E 75 21.70 -11.00 -18.55
N GLU E 76 21.52 -12.21 -19.05
CA GLU E 76 20.63 -13.18 -18.42
C GLU E 76 21.37 -13.81 -17.23
N THR E 77 20.77 -13.73 -16.03
CA THR E 77 21.39 -14.30 -14.83
C THR E 77 21.57 -15.84 -15.01
N GLY E 78 22.83 -16.27 -14.94
CA GLY E 78 23.22 -17.67 -15.04
C GLY E 78 23.20 -18.29 -13.65
N LYS E 79 22.62 -19.48 -13.58
CA LYS E 79 22.59 -20.25 -12.33
C LYS E 79 23.75 -21.23 -12.42
N ILE E 80 24.83 -20.94 -11.68
CA ILE E 80 26.06 -21.70 -11.77
C ILE E 80 26.02 -22.86 -10.74
N ASP E 81 26.03 -24.11 -11.24
CA ASP E 81 25.89 -25.31 -10.36
C ASP E 81 27.13 -25.64 -9.55
N ALA E 82 26.90 -26.16 -8.34
CA ALA E 82 27.98 -26.72 -7.52
C ALA E 82 28.80 -27.75 -8.30
N GLY E 83 28.16 -28.50 -9.20
CA GLY E 83 28.89 -29.39 -10.12
C GLY E 83 29.92 -28.76 -11.05
N TYR E 84 29.56 -27.61 -11.64
CA TYR E 84 30.25 -27.01 -12.81
C TYR E 84 31.70 -26.50 -12.63
N HIS E 85 32.61 -27.04 -13.44
CA HIS E 85 34.03 -26.62 -13.47
C HIS E 85 34.45 -26.14 -14.84
N GLY E 86 33.48 -25.72 -15.65
CA GLY E 86 33.74 -25.18 -16.99
C GLY E 86 34.00 -23.68 -16.98
N ASN E 87 34.34 -23.16 -18.17
CA ASN E 87 34.55 -21.73 -18.45
C ASN E 87 33.23 -21.01 -18.17
N LEU E 88 33.23 -20.06 -17.23
CA LEU E 88 32.03 -19.28 -16.89
C LEU E 88 31.69 -18.35 -18.08
N GLY E 89 30.50 -18.52 -18.66
CA GLY E 89 30.05 -17.73 -19.80
C GLY E 89 28.96 -16.74 -19.45
N ILE E 90 29.18 -15.47 -19.81
CA ILE E 90 28.22 -14.36 -19.54
C ILE E 90 27.24 -14.31 -20.75
N ASN E 91 25.96 -14.64 -20.48
CA ASN E 91 24.87 -14.76 -21.46
C ASN E 91 24.20 -13.35 -21.69
N ILE E 92 24.54 -12.74 -22.83
CA ILE E 92 24.31 -11.32 -23.09
C ILE E 92 23.58 -11.07 -24.46
N LYS E 93 22.72 -10.05 -24.47
CA LYS E 93 22.10 -9.48 -25.66
C LYS E 93 22.23 -7.94 -25.61
N ASN E 94 22.50 -7.37 -26.78
CA ASN E 94 22.32 -5.93 -27.02
C ASN E 94 20.85 -5.77 -27.42
N ASP E 95 19.99 -5.36 -26.45
CA ASP E 95 18.57 -5.17 -26.75
C ASP E 95 18.20 -3.78 -27.35
N ALA E 96 19.21 -3.03 -27.81
CA ALA E 96 18.95 -1.83 -28.67
C ALA E 96 18.17 -2.22 -29.95
N ILE E 97 17.29 -1.36 -30.42
CA ILE E 97 16.61 -1.56 -31.73
C ILE E 97 17.58 -1.19 -32.88
N ALA E 98 17.54 -1.97 -33.95
CA ALA E 98 18.38 -1.73 -35.14
C ALA E 98 18.08 -0.32 -35.78
N SER E 99 19.12 0.53 -35.95
CA SER E 99 18.93 1.89 -36.55
C SER E 99 19.12 1.90 -38.09
N ASN E 100 18.64 0.84 -38.76
CA ASN E 100 18.22 0.84 -40.18
C ASN E 100 19.28 1.26 -41.24
N GLY E 101 20.57 1.22 -40.84
CA GLY E 101 21.72 1.59 -41.67
C GLY E 101 22.49 2.87 -41.31
N TYR E 102 22.16 3.56 -40.18
CA TYR E 102 22.93 4.75 -39.70
C TYR E 102 24.29 4.36 -39.03
N ILE E 103 25.40 4.78 -39.62
CA ILE E 103 26.71 4.35 -39.07
C ILE E 103 27.48 5.58 -38.57
N THR E 104 28.27 5.39 -37.51
CA THR E 104 29.14 6.45 -36.96
C THR E 104 30.50 5.85 -36.66
N PRO E 105 31.55 6.68 -36.68
CA PRO E 105 32.91 6.19 -36.41
C PRO E 105 33.16 5.73 -34.96
N GLY E 106 32.34 6.16 -34.00
CA GLY E 106 32.46 5.63 -32.64
C GLY E 106 31.67 4.33 -32.40
N VAL E 107 32.08 3.58 -31.37
CA VAL E 107 31.27 2.53 -30.73
C VAL E 107 31.11 2.85 -29.25
N PHE E 108 30.10 2.25 -28.62
CA PHE E 108 29.89 2.37 -27.19
C PHE E 108 30.64 1.27 -26.43
N ASP E 109 31.05 1.67 -25.23
CA ASP E 109 31.62 0.75 -24.25
C ASP E 109 30.56 0.46 -23.16
N ILE E 110 30.91 -0.43 -22.25
CA ILE E 110 30.00 -0.87 -21.17
C ILE E 110 29.70 0.24 -20.14
N LYS E 111 30.42 1.37 -20.24
CA LYS E 111 30.23 2.56 -19.35
C LYS E 111 29.32 3.57 -20.05
N GLY E 112 28.85 3.22 -21.25
CA GLY E 112 27.98 4.10 -22.01
C GLY E 112 28.70 5.27 -22.65
N GLU E 113 30.02 5.19 -22.75
CA GLU E 113 30.83 6.24 -23.34
C GLU E 113 31.21 5.82 -24.79
N ILE E 114 31.58 6.78 -25.62
CA ILE E 114 31.95 6.50 -27.01
C ILE E 114 33.45 6.37 -27.15
N ASP E 115 33.91 5.26 -27.73
CA ASP E 115 35.34 5.08 -28.11
C ASP E 115 35.55 5.01 -29.63
N LEU E 116 36.79 5.29 -30.06
CA LEU E 116 37.22 5.05 -31.44
C LEU E 116 37.10 3.56 -31.75
N SER E 117 36.73 3.26 -32.98
CA SER E 117 36.45 1.91 -33.42
C SER E 117 37.30 1.63 -34.68
N ASP E 118 37.57 0.35 -34.99
CA ASP E 118 38.27 -0.07 -36.26
C ASP E 118 37.45 0.03 -37.58
N ALA E 119 36.17 0.27 -37.43
CA ALA E 119 35.21 0.32 -38.52
C ALA E 119 34.20 1.43 -38.19
N ILE E 120 33.49 1.91 -39.22
CA ILE E 120 32.37 2.82 -39.04
C ILE E 120 31.12 1.94 -38.88
N ARG E 121 30.54 1.93 -37.66
CA ARG E 121 29.58 0.92 -37.28
C ARG E 121 28.18 1.44 -37.00
N GLN E 122 27.20 0.55 -37.19
CA GLN E 122 25.82 0.84 -36.91
C GLN E 122 25.65 1.40 -35.51
N TYR E 123 24.91 2.49 -35.45
CA TYR E 123 24.74 3.23 -34.20
C TYR E 123 24.04 2.36 -33.19
N GLY E 124 24.50 2.35 -31.93
CA GLY E 124 23.93 1.44 -30.94
C GLY E 124 24.72 0.15 -30.75
N THR E 125 25.75 -0.03 -31.57
CA THR E 125 26.76 -1.08 -31.40
C THR E 125 27.65 -0.83 -30.21
N TYR E 126 27.85 -1.89 -29.44
CA TYR E 126 28.85 -1.90 -28.37
C TYR E 126 30.08 -2.72 -28.72
N GLN E 127 31.20 -2.27 -28.19
CA GLN E 127 32.38 -3.07 -28.16
C GLN E 127 32.73 -3.42 -26.73
N ILE E 128 32.65 -4.73 -26.47
CA ILE E 128 33.05 -5.33 -25.20
C ILE E 128 34.53 -5.72 -25.33
N ASN E 129 35.35 -5.15 -24.45
CA ASN E 129 36.78 -5.37 -24.47
C ASN E 129 37.28 -6.34 -23.40
N GLU E 130 38.24 -7.17 -23.79
CA GLU E 130 39.10 -7.86 -22.86
C GLU E 130 39.44 -6.96 -21.64
N GLY E 131 39.14 -7.46 -20.44
CA GLY E 131 39.39 -6.70 -19.20
C GLY E 131 38.19 -5.94 -18.66
N ASP E 132 37.08 -5.91 -19.41
CA ASP E 132 35.86 -5.21 -18.95
C ASP E 132 35.21 -5.87 -17.75
N LYS E 133 34.92 -5.06 -16.75
CA LYS E 133 34.21 -5.52 -15.56
C LYS E 133 32.73 -5.59 -15.92
N LEU E 134 32.30 -6.74 -16.42
CA LEU E 134 31.03 -6.89 -17.16
C LEU E 134 29.87 -7.50 -16.36
N ALA E 135 30.18 -8.39 -15.42
CA ALA E 135 29.18 -9.07 -14.65
C ALA E 135 29.66 -9.18 -13.22
N GLN E 136 28.85 -9.86 -12.41
CA GLN E 136 29.23 -10.19 -11.06
C GLN E 136 28.63 -11.57 -10.68
N LEU E 137 29.22 -12.20 -9.66
CA LEU E 137 28.82 -13.54 -9.22
C LEU E 137 28.48 -13.42 -7.74
N VAL E 138 27.22 -13.69 -7.41
CA VAL E 138 26.74 -13.73 -6.02
C VAL E 138 26.45 -15.20 -5.66
N ILE E 139 27.06 -15.73 -4.59
CA ILE E 139 26.84 -17.13 -4.16
C ILE E 139 25.80 -17.28 -3.03
N VAL E 140 24.79 -18.11 -3.27
CA VAL E 140 23.64 -18.25 -2.37
C VAL E 140 23.39 -19.74 -1.98
N PRO E 141 22.93 -19.96 -0.72
CA PRO E 141 22.49 -21.32 -0.36
C PRO E 141 21.23 -21.78 -1.10
N ILE E 142 21.27 -23.02 -1.61
CA ILE E 142 20.10 -23.72 -2.13
C ILE E 142 19.58 -24.79 -1.11
N TRP E 143 18.28 -25.03 -1.16
CA TRP E 143 17.66 -26.15 -0.46
C TRP E 143 17.30 -27.11 -1.57
N THR E 144 17.83 -28.33 -1.49
CA THR E 144 17.69 -29.30 -2.57
C THR E 144 17.13 -30.63 -2.07
N PRO E 145 15.83 -30.65 -1.71
CA PRO E 145 15.20 -31.88 -1.21
C PRO E 145 14.90 -32.94 -2.28
N GLU E 146 14.54 -34.15 -1.82
CA GLU E 146 13.83 -35.12 -2.66
C GLU E 146 12.39 -34.63 -2.73
N LEU E 147 11.72 -34.91 -3.85
CA LEU E 147 10.34 -34.44 -4.04
C LEU E 147 9.39 -35.54 -3.62
N LYS E 148 8.20 -35.14 -3.17
CA LYS E 148 7.14 -36.11 -2.88
C LYS E 148 5.83 -35.66 -3.51
N GLN E 149 5.42 -36.38 -4.55
CA GLN E 149 4.10 -36.15 -5.14
C GLN E 149 2.99 -36.39 -4.09
N VAL E 150 1.89 -35.62 -4.15
CA VAL E 150 0.82 -35.72 -3.14
C VAL E 150 -0.54 -35.20 -3.65
N GLU E 151 -1.62 -35.94 -3.35
CA GLU E 151 -2.97 -35.65 -3.88
C GLU E 151 -3.54 -34.34 -3.34
N GLU E 152 -3.44 -34.13 -2.03
CA GLU E 152 -3.81 -32.86 -1.41
C GLU E 152 -2.55 -32.29 -0.73
N PHE E 153 -2.54 -31.00 -0.40
CA PHE E 153 -1.46 -30.42 0.40
C PHE E 153 -1.83 -30.46 1.88
N GLU E 154 -1.03 -31.15 2.69
CA GLU E 154 -1.26 -31.24 4.15
C GLU E 154 0.05 -30.97 4.90
N PHE E 164 -1.05 -14.51 -8.93
CA PHE E 164 -0.71 -13.37 -9.81
C PHE E 164 -1.40 -12.07 -9.39
N ASN F 3 16.57 -9.75 14.51
CA ASN F 3 16.10 -9.81 13.10
C ASN F 3 14.92 -8.88 12.83
N THR F 4 15.17 -7.58 12.79
CA THR F 4 14.31 -6.61 12.06
C THR F 4 15.15 -5.99 10.92
N LEU F 5 14.47 -5.42 9.92
CA LEU F 5 15.14 -4.68 8.83
C LEU F 5 14.85 -3.18 8.99
N GLN F 6 15.89 -2.36 9.14
CA GLN F 6 15.73 -0.90 9.11
C GLN F 6 15.40 -0.32 7.70
N VAL F 7 14.35 0.52 7.67
CA VAL F 7 13.92 1.24 6.48
C VAL F 7 13.88 2.72 6.86
N ARG F 8 14.51 3.55 6.05
CA ARG F 8 14.36 5.02 6.03
C ARG F 8 13.52 5.48 4.81
N LEU F 9 12.58 6.39 5.05
CA LEU F 9 11.88 7.11 3.98
C LEU F 9 12.63 8.47 3.79
N LEU F 10 13.11 8.73 2.55
CA LEU F 10 14.03 9.86 2.19
C LEU F 10 13.31 11.18 1.77
N SER F 11 12.03 11.09 1.41
CA SER F 11 11.14 12.24 1.14
C SER F 11 9.70 11.89 1.51
N GLU F 12 8.82 12.89 1.41
CA GLU F 12 7.38 12.74 1.52
C GLU F 12 6.76 11.93 0.33
N ASN F 13 7.52 11.76 -0.76
CA ASN F 13 7.06 10.95 -1.93
C ASN F 13 7.23 9.43 -1.76
N ALA F 14 8.07 9.05 -0.79
CA ALA F 14 8.29 7.64 -0.39
C ALA F 14 7.02 7.07 0.28
N ARG F 15 6.81 5.78 0.04
CA ARG F 15 5.84 4.98 0.80
CA ARG F 15 5.84 4.96 0.78
C ARG F 15 6.62 3.88 1.50
N MET F 16 6.21 3.57 2.72
CA MET F 16 6.77 2.46 3.46
C MET F 16 6.58 1.16 2.65
N PRO F 17 7.67 0.37 2.41
CA PRO F 17 7.53 -0.99 1.86
C PRO F 17 6.57 -1.90 2.62
N GLU F 18 5.78 -2.72 1.92
CA GLU F 18 4.86 -3.66 2.58
C GLU F 18 4.99 -5.05 2.07
N ARG F 19 5.07 -6.00 3.00
CA ARG F 19 4.88 -7.43 2.72
C ARG F 19 3.38 -7.73 2.73
N ASN F 20 2.88 -8.26 1.60
CA ASN F 20 1.48 -8.68 1.40
C ASN F 20 1.05 -9.81 2.40
N HIS F 21 1.07 -11.09 1.99
CA HIS F 21 0.72 -12.19 2.94
C HIS F 21 1.79 -12.31 3.99
N LYS F 22 1.52 -13.05 5.07
CA LYS F 22 2.47 -13.15 6.20
C LYS F 22 3.78 -13.89 5.83
N THR F 23 3.68 -14.76 4.83
CA THR F 23 4.76 -15.65 4.44
C THR F 23 5.29 -15.38 3.01
N ASP F 24 4.85 -14.27 2.42
CA ASP F 24 5.44 -13.77 1.18
C ASP F 24 6.96 -13.52 1.35
N ALA F 25 7.70 -13.67 0.24
CA ALA F 25 9.18 -13.55 0.25
C ALA F 25 9.68 -12.09 0.22
N GLY F 26 8.83 -11.19 -0.28
CA GLY F 26 9.23 -9.85 -0.65
C GLY F 26 8.39 -8.74 -0.04
N TYR F 27 9.04 -7.58 0.05
CA TYR F 27 8.41 -6.34 0.52
C TYR F 27 8.19 -5.54 -0.74
N ASP F 28 6.91 -5.35 -1.08
CA ASP F 28 6.53 -4.67 -2.28
C ASP F 28 7.02 -3.21 -2.13
N ILE F 29 7.58 -2.68 -3.22
CA ILE F 29 8.36 -1.42 -3.25
C ILE F 29 7.65 -0.45 -4.17
N PHE F 30 7.55 0.80 -3.71
CA PHE F 30 6.70 1.83 -4.34
C PHE F 30 7.53 2.90 -5.05
N SER F 31 7.10 3.26 -6.26
CA SER F 31 7.71 4.38 -6.96
C SER F 31 7.52 5.66 -6.20
N ALA F 32 8.58 6.44 -6.04
CA ALA F 32 8.45 7.79 -5.48
C ALA F 32 8.39 8.84 -6.56
N GLU F 33 8.12 8.43 -7.80
CA GLU F 33 8.16 9.38 -8.89
C GLU F 33 7.11 9.05 -9.97
N THR F 34 6.65 10.13 -10.61
CA THR F 34 5.74 10.08 -11.75
C THR F 34 6.56 10.32 -13.01
N VAL F 35 6.51 9.35 -13.90
CA VAL F 35 7.33 9.42 -15.11
C VAL F 35 6.62 8.71 -16.27
N VAL F 36 6.65 9.33 -17.44
CA VAL F 36 6.15 8.74 -18.66
C VAL F 36 7.30 7.95 -19.28
N LEU F 37 7.04 6.71 -19.69
CA LEU F 37 8.09 5.83 -20.28
C LEU F 37 7.51 5.21 -21.56
N GLU F 38 8.04 5.69 -22.69
CA GLU F 38 7.52 5.35 -24.02
C GLU F 38 8.25 4.11 -24.54
N PRO F 39 7.76 3.51 -25.62
CA PRO F 39 8.44 2.31 -26.15
C PRO F 39 9.97 2.49 -26.34
N GLN F 40 10.68 1.54 -25.74
CA GLN F 40 12.14 1.35 -25.81
C GLN F 40 12.93 2.24 -24.85
N GLU F 41 12.23 3.11 -24.13
CA GLU F 41 12.90 4.00 -23.20
C GLU F 41 13.25 3.28 -21.89
N LYS F 42 14.35 3.75 -21.29
CA LYS F 42 14.91 3.21 -20.04
C LYS F 42 14.89 4.35 -19.02
N ALA F 43 14.73 3.98 -17.76
CA ALA F 43 14.81 4.90 -16.65
C ALA F 43 15.31 4.15 -15.45
N VAL F 44 15.81 4.90 -14.47
CA VAL F 44 15.94 4.43 -13.10
C VAL F 44 14.92 5.20 -12.27
N ILE F 45 13.89 4.48 -11.80
CA ILE F 45 12.77 5.06 -11.00
C ILE F 45 13.19 5.14 -9.51
N LYS F 46 13.20 6.37 -8.97
CA LYS F 46 13.51 6.67 -7.56
C LYS F 46 12.42 6.07 -6.66
N THR F 47 12.85 5.52 -5.51
CA THR F 47 11.93 5.08 -4.45
C THR F 47 11.95 6.03 -3.24
N ASP F 48 13.06 6.73 -3.04
CA ASP F 48 13.28 7.53 -1.85
C ASP F 48 13.17 6.69 -0.56
N VAL F 49 13.47 5.39 -0.70
CA VAL F 49 13.55 4.44 0.37
C VAL F 49 15.04 4.04 0.45
N ALA F 50 15.62 4.03 1.65
CA ALA F 50 16.91 3.38 1.93
C ALA F 50 16.60 2.24 2.88
N VAL F 51 17.22 1.09 2.65
CA VAL F 51 17.22 -0.03 3.58
C VAL F 51 18.65 -0.24 4.13
N SER F 52 18.74 -0.90 5.28
CA SER F 52 20.01 -1.31 5.85
C SER F 52 20.06 -2.84 5.95
N ILE F 53 20.55 -3.47 4.88
CA ILE F 53 20.62 -4.92 4.84
C ILE F 53 21.86 -5.38 5.65
N PRO F 54 21.69 -6.35 6.59
CA PRO F 54 22.84 -6.84 7.35
C PRO F 54 23.94 -7.51 6.50
N GLU F 55 25.17 -7.49 7.02
CA GLU F 55 26.29 -8.28 6.47
C GLU F 55 25.84 -9.76 6.41
N GLY F 56 26.25 -10.48 5.35
CA GLY F 56 25.88 -11.90 5.15
C GLY F 56 24.62 -12.10 4.33
N TYR F 57 24.03 -10.98 3.92
CA TYR F 57 22.78 -10.89 3.16
C TYR F 57 22.95 -9.99 1.90
N VAL F 58 22.22 -10.36 0.84
CA VAL F 58 21.96 -9.45 -0.29
C VAL F 58 20.44 -9.30 -0.57
N GLY F 59 20.06 -8.07 -0.92
CA GLY F 59 18.68 -7.71 -1.38
C GLY F 59 18.55 -7.88 -2.89
N LEU F 60 17.41 -8.44 -3.32
CA LEU F 60 17.07 -8.60 -4.75
C LEU F 60 15.84 -7.75 -5.08
N LEU F 61 16.14 -6.61 -5.69
CA LEU F 61 15.12 -5.65 -6.12
C LEU F 61 14.64 -6.13 -7.49
N THR F 62 13.43 -6.71 -7.52
CA THR F 62 12.99 -7.59 -8.58
C THR F 62 11.51 -7.33 -8.99
N SER F 63 11.13 -7.84 -10.15
CA SER F 63 9.78 -7.67 -10.68
C SER F 63 8.67 -8.36 -9.89
N ARG F 64 7.46 -7.84 -10.05
CA ARG F 64 6.23 -8.48 -9.59
C ARG F 64 5.70 -9.22 -10.82
N SER F 65 5.20 -10.45 -10.64
CA SER F 65 4.73 -11.25 -11.79
C SER F 65 3.58 -10.56 -12.53
N GLY F 66 2.84 -9.74 -11.77
CA GLY F 66 1.75 -8.91 -12.30
C GLY F 66 2.19 -7.84 -13.30
N VAL F 67 3.00 -6.85 -12.87
CA VAL F 67 3.51 -5.81 -13.78
C VAL F 67 4.26 -6.49 -14.93
N SER F 68 5.09 -7.48 -14.60
CA SER F 68 5.97 -8.20 -15.56
C SER F 68 5.22 -8.92 -16.69
N SER F 69 4.25 -9.77 -16.30
CA SER F 69 3.48 -10.60 -17.26
C SER F 69 2.47 -9.80 -18.08
N LYS F 70 1.91 -8.73 -17.49
CA LYS F 70 0.74 -8.01 -18.08
C LYS F 70 1.11 -6.70 -18.80
N THR F 71 2.35 -6.24 -18.61
CA THR F 71 2.94 -5.04 -19.29
C THR F 71 4.32 -5.33 -19.98
N HIS F 72 4.81 -4.32 -20.72
CA HIS F 72 6.14 -4.33 -21.37
C HIS F 72 7.23 -3.73 -20.47
N LEU F 73 6.87 -3.47 -19.22
CA LEU F 73 7.79 -2.93 -18.25
C LEU F 73 8.70 -4.06 -17.80
N VAL F 74 10.00 -3.94 -18.12
CA VAL F 74 11.00 -4.95 -17.77
C VAL F 74 11.92 -4.31 -16.73
N ILE F 75 11.83 -4.87 -15.53
CA ILE F 75 12.75 -4.51 -14.45
C ILE F 75 13.92 -5.52 -14.42
N GLU F 76 15.12 -4.95 -14.37
CA GLU F 76 16.37 -5.68 -14.17
C GLU F 76 16.65 -5.84 -12.68
N THR F 77 16.77 -7.11 -12.22
CA THR F 77 16.90 -7.43 -10.79
C THR F 77 18.19 -6.79 -10.30
N GLY F 78 18.08 -5.95 -9.27
CA GLY F 78 19.19 -5.23 -8.69
C GLY F 78 19.71 -6.01 -7.50
N LYS F 79 21.03 -6.09 -7.38
CA LYS F 79 21.71 -6.70 -6.21
C LYS F 79 21.99 -5.59 -5.21
N ILE F 80 21.28 -5.67 -4.07
CA ILE F 80 21.34 -4.64 -3.03
C ILE F 80 22.30 -5.08 -1.92
N ASP F 81 23.50 -4.49 -1.92
CA ASP F 81 24.59 -4.90 -1.01
C ASP F 81 24.22 -4.66 0.46
N ALA F 82 24.81 -5.49 1.32
CA ALA F 82 24.77 -5.28 2.75
C ALA F 82 25.27 -3.84 3.05
N GLY F 83 24.52 -3.10 3.87
CA GLY F 83 24.89 -1.72 4.25
C GLY F 83 24.81 -0.58 3.21
N TYR F 84 24.36 -0.86 1.98
CA TYR F 84 24.10 0.19 0.98
C TYR F 84 22.92 0.99 1.49
N HIS F 85 23.17 2.28 1.75
CA HIS F 85 22.21 3.09 2.49
C HIS F 85 21.71 4.20 1.61
N GLY F 86 21.79 3.99 0.30
CA GLY F 86 21.37 4.98 -0.66
C GLY F 86 19.91 4.76 -1.02
N ASN F 87 19.44 5.65 -1.87
CA ASN F 87 18.10 5.61 -2.42
C ASN F 87 18.01 4.38 -3.36
N LEU F 88 17.08 3.46 -3.09
CA LEU F 88 16.89 2.30 -3.98
C LEU F 88 16.27 2.78 -5.30
N GLY F 89 16.89 2.33 -6.41
CA GLY F 89 16.56 2.76 -7.78
C GLY F 89 16.12 1.54 -8.57
N ILE F 90 14.91 1.63 -9.13
CA ILE F 90 14.27 0.53 -9.87
C ILE F 90 14.69 0.68 -11.33
N ASN F 91 15.24 -0.39 -11.90
CA ASN F 91 15.99 -0.30 -13.15
C ASN F 91 15.07 -0.87 -14.21
N ILE F 92 14.58 0.01 -15.07
CA ILE F 92 13.40 -0.25 -15.88
C ILE F 92 13.60 0.20 -17.35
N LYS F 93 12.98 -0.62 -18.21
CA LYS F 93 12.77 -0.37 -19.61
C LYS F 93 11.32 -0.78 -19.97
N ASN F 94 10.69 0.05 -20.82
CA ASN F 94 9.52 -0.29 -21.63
C ASN F 94 10.02 -1.01 -22.90
N ASP F 95 9.86 -2.34 -22.91
CA ASP F 95 10.38 -3.14 -24.02
C ASP F 95 9.36 -3.38 -25.16
N ALA F 96 8.29 -2.56 -25.20
CA ALA F 96 7.41 -2.42 -26.37
C ALA F 96 8.22 -1.94 -27.57
N ILE F 97 7.84 -2.40 -28.76
CA ILE F 97 8.41 -1.94 -30.03
C ILE F 97 7.69 -0.65 -30.42
N ALA F 98 8.46 0.38 -30.73
CA ALA F 98 7.98 1.67 -31.26
C ALA F 98 6.68 1.61 -32.12
N SER F 99 5.69 2.43 -31.75
CA SER F 99 4.46 2.61 -32.53
C SER F 99 4.78 3.44 -33.83
N ASN F 100 6.03 3.95 -33.92
CA ASN F 100 6.55 4.73 -35.06
C ASN F 100 5.59 5.83 -35.61
N GLY F 101 4.75 6.38 -34.72
CA GLY F 101 3.84 7.49 -35.05
C GLY F 101 2.40 7.43 -34.52
N TYR F 102 1.81 6.22 -34.32
CA TYR F 102 0.40 6.07 -33.86
C TYR F 102 0.20 6.58 -32.42
N ILE F 103 -0.63 7.63 -32.24
CA ILE F 103 -0.90 8.26 -30.93
C ILE F 103 -2.37 8.05 -30.47
N THR F 104 -2.56 7.92 -29.15
CA THR F 104 -3.88 7.73 -28.55
C THR F 104 -3.95 8.65 -27.30
N PRO F 105 -5.16 9.10 -26.92
CA PRO F 105 -5.35 9.96 -25.69
C PRO F 105 -5.11 9.28 -24.32
N GLY F 106 -5.21 7.96 -24.28
CA GLY F 106 -4.88 7.20 -23.07
C GLY F 106 -3.42 6.81 -22.97
N VAL F 107 -2.95 6.48 -21.77
CA VAL F 107 -1.66 5.83 -21.52
C VAL F 107 -1.91 4.57 -20.66
N PHE F 108 -1.00 3.60 -20.72
CA PHE F 108 -1.14 2.39 -19.91
C PHE F 108 -0.57 2.65 -18.54
N ASP F 109 -1.12 1.95 -17.55
CA ASP F 109 -0.59 1.95 -16.20
C ASP F 109 0.05 0.57 -15.92
N ILE F 110 0.59 0.38 -14.72
CA ILE F 110 1.31 -0.88 -14.39
C ILE F 110 0.40 -2.13 -14.25
N LYS F 111 -0.92 -1.92 -14.24
CA LYS F 111 -1.95 -2.99 -14.27
C LYS F 111 -2.34 -3.38 -15.73
N GLY F 112 -1.80 -2.66 -16.72
CA GLY F 112 -2.20 -2.87 -18.09
C GLY F 112 -3.53 -2.24 -18.45
N GLU F 113 -4.06 -1.37 -17.59
CA GLU F 113 -5.32 -0.64 -17.87
C GLU F 113 -5.00 0.77 -18.48
N ILE F 114 -5.98 1.40 -19.11
CA ILE F 114 -5.80 2.63 -19.86
C ILE F 114 -6.33 3.81 -19.02
N ASP F 115 -5.49 4.82 -18.81
CA ASP F 115 -5.86 6.05 -18.10
C ASP F 115 -5.78 7.31 -18.98
N LEU F 116 -6.64 8.30 -18.66
CA LEU F 116 -6.55 9.67 -19.25
C LEU F 116 -5.17 10.28 -18.97
N SER F 117 -4.65 11.02 -19.94
CA SER F 117 -3.26 11.50 -19.90
C SER F 117 -3.29 13.02 -20.18
N ASP F 118 -2.21 13.75 -19.87
CA ASP F 118 -2.08 15.18 -20.19
C ASP F 118 -1.80 15.43 -21.71
N ALA F 119 -1.45 14.38 -22.46
CA ALA F 119 -1.05 14.49 -23.85
C ALA F 119 -1.65 13.30 -24.61
N ILE F 120 -1.73 13.46 -25.92
CA ILE F 120 -2.07 12.39 -26.87
C ILE F 120 -0.71 11.80 -27.24
N ARG F 121 -0.39 10.68 -26.60
CA ARG F 121 0.91 10.01 -26.63
C ARG F 121 0.97 8.71 -27.52
N GLN F 122 2.20 8.32 -27.93
CA GLN F 122 2.51 7.13 -28.76
C GLN F 122 1.94 5.86 -28.12
N TYR F 123 1.19 5.08 -28.90
CA TYR F 123 0.67 3.80 -28.41
C TYR F 123 1.83 2.96 -27.87
N GLY F 124 1.62 2.35 -26.72
CA GLY F 124 2.65 1.55 -25.99
C GLY F 124 3.27 2.26 -24.78
N THR F 125 2.89 3.53 -24.59
CA THR F 125 3.46 4.35 -23.55
C THR F 125 2.77 4.00 -22.26
N TYR F 126 3.57 3.90 -21.21
CA TYR F 126 3.12 3.74 -19.85
C TYR F 126 3.33 5.03 -19.06
N GLN F 127 2.45 5.29 -18.10
CA GLN F 127 2.77 6.32 -17.11
C GLN F 127 2.90 5.63 -15.78
N ILE F 128 4.04 5.82 -15.13
CA ILE F 128 4.28 5.30 -13.78
C ILE F 128 3.94 6.46 -12.87
N ASN F 129 3.13 6.19 -11.84
CA ASN F 129 2.69 7.25 -10.91
C ASN F 129 3.30 7.05 -9.56
N GLU F 130 3.62 8.16 -8.90
CA GLU F 130 4.06 8.09 -7.53
C GLU F 130 3.09 7.25 -6.73
N GLY F 131 3.64 6.34 -5.95
CA GLY F 131 2.86 5.41 -5.11
C GLY F 131 2.51 4.11 -5.83
N ASP F 132 2.89 3.94 -7.12
CA ASP F 132 2.67 2.65 -7.82
C ASP F 132 3.50 1.56 -7.15
N LYS F 133 2.91 0.36 -7.03
CA LYS F 133 3.54 -0.84 -6.43
C LYS F 133 4.27 -1.53 -7.61
N LEU F 134 5.53 -1.13 -7.83
CA LEU F 134 6.27 -1.39 -9.12
C LEU F 134 7.23 -2.59 -9.05
N ALA F 135 7.87 -2.78 -7.88
CA ALA F 135 8.82 -3.90 -7.63
C ALA F 135 8.60 -4.60 -6.29
N GLN F 136 9.45 -5.60 -6.02
CA GLN F 136 9.53 -6.26 -4.72
C GLN F 136 10.97 -6.54 -4.31
N LEU F 137 11.24 -6.34 -3.00
CA LEU F 137 12.57 -6.61 -2.41
C LEU F 137 12.57 -7.91 -1.60
N VAL F 138 13.34 -8.89 -2.08
CA VAL F 138 13.54 -10.18 -1.43
C VAL F 138 14.99 -10.26 -0.90
N ILE F 139 15.12 -10.73 0.33
CA ILE F 139 16.40 -10.76 0.99
C ILE F 139 16.76 -12.23 1.20
N VAL F 140 17.98 -12.54 0.76
CA VAL F 140 18.49 -13.88 0.62
C VAL F 140 19.87 -13.87 1.33
N PRO F 141 20.24 -14.98 2.00
CA PRO F 141 21.61 -15.03 2.57
C PRO F 141 22.67 -15.29 1.46
N ILE F 142 23.87 -14.72 1.63
CA ILE F 142 24.99 -14.95 0.70
C ILE F 142 26.21 -15.62 1.38
N TRP F 143 27.00 -16.34 0.58
CA TRP F 143 28.28 -16.88 0.99
C TRP F 143 29.37 -16.04 0.38
N THR F 144 30.25 -15.51 1.22
CA THR F 144 31.23 -14.51 0.81
C THR F 144 32.69 -14.95 1.13
N PRO F 145 33.15 -16.09 0.55
CA PRO F 145 34.49 -16.64 0.80
C PRO F 145 35.68 -15.84 0.26
N GLU F 146 36.84 -15.95 0.90
CA GLU F 146 38.11 -15.50 0.30
C GLU F 146 38.37 -16.44 -0.90
N LEU F 147 38.84 -15.88 -2.02
CA LEU F 147 39.15 -16.68 -3.22
C LEU F 147 40.55 -17.24 -3.13
N LYS F 148 40.71 -18.50 -3.55
CA LYS F 148 42.02 -19.15 -3.65
C LYS F 148 42.21 -19.66 -5.07
N GLN F 149 43.18 -19.09 -5.79
CA GLN F 149 43.49 -19.60 -7.12
C GLN F 149 44.27 -20.90 -7.01
N VAL F 150 43.99 -21.82 -7.94
CA VAL F 150 44.54 -23.19 -7.90
C VAL F 150 44.91 -23.67 -9.32
N GLU F 151 46.06 -24.33 -9.48
CA GLU F 151 46.46 -24.88 -10.80
C GLU F 151 45.48 -25.96 -11.29
N GLU F 152 44.89 -26.70 -10.35
CA GLU F 152 43.94 -27.78 -10.68
C GLU F 152 42.99 -27.95 -9.48
N PHE F 153 41.75 -28.34 -9.74
CA PHE F 153 40.72 -28.41 -8.68
C PHE F 153 40.89 -29.61 -7.75
N GLU F 154 40.72 -29.37 -6.45
CA GLU F 154 40.88 -30.37 -5.41
C GLU F 154 39.60 -30.44 -4.60
N PHE F 164 26.29 -25.75 -20.86
CA PHE F 164 25.06 -25.19 -21.41
C PHE F 164 24.17 -26.30 -21.98
O4 DUP G . -13.43 2.07 18.65
C4 DUP G . -12.86 1.59 19.79
C5 DUP G . -12.96 2.30 20.98
C6 DUP G . -12.39 1.77 22.15
N3 DUP G . -12.12 0.43 19.78
C2 DUP G . -11.54 -0.04 20.95
O2 DUP G . -10.83 -1.19 20.92
N1 DUP G . -11.69 0.60 22.13
C1' DUP G . -11.08 0.09 23.37
C2' DUP G . -9.87 0.92 23.83
C3' DUP G . -10.42 1.77 24.97
O3' DUP G . -9.43 2.06 25.96
O4' DUP G . -12.08 0.17 24.42
C4' DUP G . -11.55 0.94 25.54
C5' DUP G . -12.60 1.76 26.27
O5' DUP G . -13.10 2.88 25.49
PA DUP G . -14.41 3.61 25.98
O1A DUP G . -14.01 4.18 27.33
O2A DUP G . -14.77 4.49 24.80
N3A DUP G . -15.58 2.40 26.10
PB DUP G . -16.70 2.24 27.35
O1B DUP G . -16.70 3.46 28.21
O2B DUP G . -18.03 1.87 26.72
O3B DUP G . -16.12 1.02 28.27
PG DUP G . -15.20 1.05 29.68
O2G DUP G . -14.38 -0.19 29.46
O1G DUP G . -16.25 1.04 30.77
O3G DUP G . -14.46 2.37 29.73
MG MG H . -27.73 6.91 8.27
MG MG I . -14.89 4.38 29.24
O4 DUP J . -11.43 14.95 5.38
C4 DUP J . -10.19 14.99 4.82
C5 DUP J . -9.24 14.04 5.12
C6 DUP J . -8.00 14.12 4.57
N3 DUP J . -9.82 16.01 4.03
C2 DUP J . -8.61 16.03 3.42
O2 DUP J . -8.37 17.02 2.56
N1 DUP J . -7.68 15.09 3.69
C1' DUP J . -6.34 15.12 3.09
C2' DUP J . -5.29 15.59 4.10
C3' DUP J . -4.57 14.30 4.50
O3' DUP J . -3.23 14.56 4.93
O4' DUP J . -5.93 13.77 2.68
C4' DUP J . -4.68 13.39 3.29
C5' DUP J . -4.64 11.89 3.62
O5' DUP J . -5.58 11.52 4.67
PA DUP J . -5.88 9.98 4.92
O1A DUP J . -4.55 9.38 5.31
O2A DUP J . -7.06 10.08 5.93
N3A DUP J . -6.48 9.27 3.49
PB DUP J . -5.88 7.80 2.85
O1B DUP J . -5.11 7.06 3.92
O2B DUP J . -7.10 7.10 2.24
O3B DUP J . -4.89 8.39 1.67
PG DUP J . -3.26 8.34 1.62
O2G DUP J . -2.96 7.03 0.95
O1G DUP J . -2.75 8.44 3.06
O3G DUP J . -2.85 9.60 0.88
MG MG K . -3.38 7.80 4.95
O4 DUP L . -21.46 18.95 20.77
C4 DUP L . -21.20 20.17 21.26
C5 DUP L . -20.42 21.08 20.54
C6 DUP L . -20.18 22.35 21.06
N3 DUP L . -21.68 20.54 22.45
C2 DUP L . -21.46 21.80 22.93
O2 DUP L . -21.98 22.13 24.15
N1 DUP L . -20.73 22.72 22.24
C1' DUP L . -20.49 24.08 22.76
C2' DUP L . -19.06 24.23 23.22
C3' DUP L . -18.40 25.03 22.11
O3' DUP L . -17.34 25.83 22.67
O4' DUP L . -20.75 25.03 21.68
C4' DUP L . -19.56 25.82 21.45
C5' DUP L . -19.39 26.11 19.97
O5' DUP L . -18.89 24.99 19.21
PA DUP L . -18.69 25.20 17.62
O1A DUP L . -18.48 23.80 17.09
O2A DUP L . -17.68 26.24 17.29
N3A DUP L . -20.23 25.70 17.14
PB DUP L . -20.63 26.91 16.03
O1B DUP L . -19.37 27.20 15.23
O2B DUP L . -21.85 26.43 15.24
O3B DUP L . -21.01 28.21 16.96
PG DUP L . -20.08 29.45 17.56
O2G DUP L . -18.59 29.18 17.33
O1G DUP L . -20.62 30.46 16.63
O3G DUP L . -20.55 29.49 18.98
MG MG M . -17.65 27.92 16.09
O4 DUP N . 6.72 -16.17 -13.03
C4 DUP N . 5.87 -16.46 -12.02
C5 DUP N . 5.85 -15.64 -10.90
C6 DUP N . 4.98 -15.94 -9.85
N3 DUP N . 5.02 -17.53 -12.05
C2 DUP N . 4.17 -17.80 -11.00
O2 DUP N . 3.34 -18.90 -11.08
N1 DUP N . 4.16 -17.00 -9.89
C1' DUP N . 3.23 -17.23 -8.74
C2' DUP N . 4.00 -17.64 -7.49
C3' DUP N . 3.91 -16.43 -6.57
O3' DUP N . 3.80 -16.78 -5.19
O4' DUP N . 2.51 -16.03 -8.42
C4' DUP N . 2.68 -15.67 -7.05
C5' DUP N . 2.72 -14.15 -6.78
O5' DUP N . 3.93 -13.56 -7.25
PA DUP N . 4.21 -11.98 -7.26
O1A DUP N . 5.52 -11.77 -7.98
O2A DUP N . 4.15 -11.45 -5.85
N3A DUP N . 2.97 -11.32 -8.17
PB DUP N . 2.15 -9.94 -7.76
O1B DUP N . 2.89 -9.15 -6.70
O2B DUP N . 1.90 -9.21 -9.04
O3B DUP N . 0.72 -10.51 -7.19
PG DUP N . 0.18 -10.80 -5.65
O2G DUP N . 1.42 -10.87 -4.79
O1G DUP N . -0.70 -9.59 -5.38
O3G DUP N . -0.55 -12.10 -5.90
MG MG O . 13.60 -6.23 -26.77
MG MG P . 3.00 -10.21 -4.27
O4 DUP Q . 24.85 -17.61 -17.77
C4 DUP Q . 25.35 -18.86 -17.59
C5 DUP Q . 24.50 -19.90 -17.23
C6 DUP Q . 25.04 -21.17 -17.02
N3 DUP Q . 26.67 -19.12 -17.73
C2 DUP Q . 27.17 -20.37 -17.52
O2 DUP Q . 28.50 -20.58 -17.69
N1 DUP Q . 26.36 -21.41 -17.17
C1' DUP Q . 26.89 -22.79 -16.94
C2' DUP Q . 27.00 -23.08 -15.43
C3' DUP Q . 25.95 -24.13 -15.13
O3' DUP Q . 26.33 -25.01 -14.07
O4' DUP Q . 26.04 -23.84 -17.46
C4' DUP Q . 25.75 -24.83 -16.46
C5' DUP Q . 24.34 -25.38 -16.62
O5' DUP Q . 23.36 -24.33 -16.57
PA DUP Q . 21.81 -24.67 -16.89
O1A DUP Q . 21.41 -25.95 -16.14
O2A DUP Q . 20.98 -23.43 -16.60
N3A DUP Q . 21.85 -24.93 -18.53
PB DUP Q . 21.12 -26.17 -19.38
O1B DUP Q . 20.86 -25.66 -20.80
O2B DUP Q . 19.92 -26.68 -18.64
O3B DUP Q . 22.30 -27.26 -19.47
PG DUP Q . 22.45 -28.63 -18.59
O2G DUP Q . 23.95 -28.60 -18.34
O1G DUP Q . 21.97 -29.58 -19.67
O3G DUP Q . 21.62 -28.56 -17.31
MG MG R . 19.67 -27.68 -16.51
O4 DUP S . 18.49 -2.11 -9.40
C4 DUP S . 19.43 -1.63 -8.54
C5 DUP S . 20.73 -2.16 -8.46
C6 DUP S . 21.64 -1.62 -7.57
N3 DUP S . 19.15 -0.60 -7.73
C2 DUP S . 20.06 -0.08 -6.85
O2 DUP S . 19.72 0.98 -6.05
N1 DUP S . 21.30 -0.55 -6.78
C1' DUP S . 22.31 0.00 -5.85
C2' DUP S . 22.40 -0.93 -4.63
C3' DUP S . 23.72 -1.65 -4.78
O3' DUP S . 24.25 -2.04 -3.49
O4' DUP S . 23.62 0.06 -6.45
C4' DUP S . 24.55 -0.66 -5.61
C5' DUP S . 25.63 -1.30 -6.46
O5' DUP S . 25.08 -2.27 -7.35
PA DUP S . 26.01 -3.00 -8.46
O1A DUP S . 27.22 -3.55 -7.70
O2A DUP S . 25.12 -3.99 -9.21
N3A DUP S . 26.43 -1.71 -9.47
PB DUP S . 27.92 -1.18 -10.03
O1B DUP S . 28.86 -2.33 -9.93
O2B DUP S . 27.75 -0.56 -11.43
O3B DUP S . 28.42 0.02 -9.01
PG DUP S . 29.43 -0.14 -7.71
O2G DUP S . 30.83 0.22 -8.20
O1G DUP S . 29.29 -1.58 -7.28
O3G DUP S . 28.86 0.85 -6.74
MG MG T . 29.42 -3.61 -7.96
#